data_5TWW
# 
_entry.id   5TWW 
# 
_audit_conform.dict_name       mmcif_pdbx.dic 
_audit_conform.dict_version    5.381 
_audit_conform.dict_location   http://mmcif.pdb.org/dictionaries/ascii/mmcif_pdbx.dic 
# 
loop_
_database_2.database_id 
_database_2.database_code 
_database_2.pdbx_database_accession 
_database_2.pdbx_DOI 
PDB   5TWW         pdb_00005tww 10.2210/pdb5tww/pdb 
WWPDB D_1000224929 ?            ?                   
BMRB  30203        ?            ?                   
# 
loop_
_pdbx_database_related.db_name 
_pdbx_database_related.details 
_pdbx_database_related.db_id 
_pdbx_database_related.content_type 
PDB  'helical cap'                                            5TWI  unspecified 
BMRB 'Alpha Helix Nucleation by a Simple Cyclic Tetrapeptide' 30203 unspecified 
# 
_pdbx_database_status.status_code                     REL 
_pdbx_database_status.status_code_sf                  ? 
_pdbx_database_status.status_code_mr                  REL 
_pdbx_database_status.entry_id                        5TWW 
_pdbx_database_status.recvd_initial_deposition_date   2016-11-14 
_pdbx_database_status.SG_entry                        N 
_pdbx_database_status.deposit_site                    RCSB 
_pdbx_database_status.process_site                    RCSB 
_pdbx_database_status.status_code_cs                  REL 
_pdbx_database_status.methods_development_category    ? 
_pdbx_database_status.pdb_format_compatible           Y 
_pdbx_database_status.status_code_nmr_data            ? 
# 
_audit_author.name           'Hoang, H.N.' 
_audit_author.pdbx_ordinal   1 
# 
_citation.abstract                  ? 
_citation.abstract_id_CAS           ? 
_citation.book_id_ISBN              ? 
_citation.book_publisher            ? 
_citation.book_publisher_city       ? 
_citation.book_title                ? 
_citation.coordinate_linkage        ? 
_citation.country                   ? 
_citation.database_id_Medline       ? 
_citation.details                   ? 
_citation.id                        primary 
_citation.journal_abbrev            'To Be Published' 
_citation.journal_id_ASTM           ? 
_citation.journal_id_CSD            0353 
_citation.journal_id_ISSN           ? 
_citation.journal_full              ? 
_citation.journal_issue             ? 
_citation.journal_volume            ? 
_citation.language                  ? 
_citation.page_first                ? 
_citation.page_last                 ? 
_citation.title                     'Alpha Helix Nucleation by a Simple Cyclic Tetrapeptide' 
_citation.year                      ? 
_citation.database_id_CSD           ? 
_citation.pdbx_database_id_DOI      ? 
_citation.pdbx_database_id_PubMed   ? 
_citation.unpublished_flag          ? 
# 
_citation_author.citation_id        primary 
_citation_author.name               'Hoang, H.N.' 
_citation_author.ordinal            1 
_citation_author.identifier_ORCID   ? 
# 
_entity.id                         1 
_entity.type                       polymer 
_entity.src_method                 syn 
_entity.pdbx_description           'Cyclic peptide ALA-ALA-ALA-UN1-ALA-ARG-ALA-ALA-ARG-ALA-ALA-ARG-ALA' 
_entity.formula_weight             1270.445 
_entity.pdbx_number_of_molecules   1 
_entity.pdbx_ec                    ? 
_entity.pdbx_mutation              ? 
_entity.pdbx_fragment              ? 
_entity.details                    ? 
# 
_entity_poly.entity_id                      1 
_entity_poly.type                           'polypeptide(L)' 
_entity_poly.nstd_linkage                   no 
_entity_poly.nstd_monomer                   yes 
_entity_poly.pdbx_seq_one_letter_code       'AAA(UN1)ARAARAARA(NH2)' 
_entity_poly.pdbx_seq_one_letter_code_can   AAAXARAARAARAX 
_entity_poly.pdbx_strand_id                 A 
_entity_poly.pdbx_target_identifier         ? 
# 
loop_
_entity_poly_seq.entity_id 
_entity_poly_seq.num 
_entity_poly_seq.mon_id 
_entity_poly_seq.hetero 
1 1  ALA n 
1 2  ALA n 
1 3  ALA n 
1 4  UN1 n 
1 5  ALA n 
1 6  ARG n 
1 7  ALA n 
1 8  ALA n 
1 9  ARG n 
1 10 ALA n 
1 11 ALA n 
1 12 ARG n 
1 13 ALA n 
1 14 NH2 n 
# 
_pdbx_entity_src_syn.entity_id              1 
_pdbx_entity_src_syn.pdbx_src_id            1 
_pdbx_entity_src_syn.pdbx_alt_source_flag   sample 
_pdbx_entity_src_syn.pdbx_beg_seq_num       1 
_pdbx_entity_src_syn.pdbx_end_seq_num       14 
_pdbx_entity_src_syn.organism_scientific    'Homo sapiens' 
_pdbx_entity_src_syn.organism_common_name   ? 
_pdbx_entity_src_syn.ncbi_taxonomy_id       9606 
_pdbx_entity_src_syn.details                ? 
# 
_struct_ref.id                         1 
_struct_ref.db_name                    PDB 
_struct_ref.db_code                    5TWW 
_struct_ref.pdbx_db_accession          5TWW 
_struct_ref.pdbx_db_isoform            ? 
_struct_ref.entity_id                  1 
_struct_ref.pdbx_seq_one_letter_code   ? 
_struct_ref.pdbx_align_begin           1 
# 
_struct_ref_seq.align_id                      1 
_struct_ref_seq.ref_id                        1 
_struct_ref_seq.pdbx_PDB_id_code              5TWW 
_struct_ref_seq.pdbx_strand_id                A 
_struct_ref_seq.seq_align_beg                 1 
_struct_ref_seq.pdbx_seq_align_beg_ins_code   ? 
_struct_ref_seq.seq_align_end                 14 
_struct_ref_seq.pdbx_seq_align_end_ins_code   ? 
_struct_ref_seq.pdbx_db_accession             5TWW 
_struct_ref_seq.db_align_beg                  1 
_struct_ref_seq.pdbx_db_align_beg_ins_code    ? 
_struct_ref_seq.db_align_end                  14 
_struct_ref_seq.pdbx_db_align_end_ins_code    ? 
_struct_ref_seq.pdbx_auth_seq_align_beg       1 
_struct_ref_seq.pdbx_auth_seq_align_end       14 
# 
loop_
_chem_comp.id 
_chem_comp.type 
_chem_comp.mon_nstd_flag 
_chem_comp.name 
_chem_comp.pdbx_synonyms 
_chem_comp.formula 
_chem_comp.formula_weight 
ALA 'L-peptide linking' y ALANINE                   ? 'C3 H7 N O2'     89.093  
ARG 'L-peptide linking' y ARGININE                  ? 'C6 H15 N4 O2 1' 175.209 
NH2 non-polymer         . 'AMINO GROUP'             ? 'H2 N'           16.023  
UN1 'L-peptide linking' . '2-AMINOHEXANEDIOIC ACID' ? 'C6 H11 N O4'    161.156 
# 
_pdbx_nmr_exptl.experiment_id     1 
_pdbx_nmr_exptl.conditions_id     1 
_pdbx_nmr_exptl.solution_id       1 
_pdbx_nmr_exptl.type              '2d noesy' 
_pdbx_nmr_exptl.spectrometer_id   1 
_pdbx_nmr_exptl.sample_state      anisotropic 
# 
_pdbx_nmr_exptl_sample_conditions.conditions_id          1 
_pdbx_nmr_exptl_sample_conditions.temperature            298 
_pdbx_nmr_exptl_sample_conditions.pressure_units         atm 
_pdbx_nmr_exptl_sample_conditions.pressure               1 
_pdbx_nmr_exptl_sample_conditions.pH                     6 
_pdbx_nmr_exptl_sample_conditions.ionic_strength         100 
_pdbx_nmr_exptl_sample_conditions.details                ? 
_pdbx_nmr_exptl_sample_conditions.ionic_strength_err     ? 
_pdbx_nmr_exptl_sample_conditions.ionic_strength_units   mM 
_pdbx_nmr_exptl_sample_conditions.label                  pure 
_pdbx_nmr_exptl_sample_conditions.pH_err                 ? 
_pdbx_nmr_exptl_sample_conditions.pH_units               pH 
_pdbx_nmr_exptl_sample_conditions.pressure_err           ? 
_pdbx_nmr_exptl_sample_conditions.temperature_err        ? 
_pdbx_nmr_exptl_sample_conditions.temperature_units      K 
# 
_pdbx_nmr_sample_details.solution_id      1 
_pdbx_nmr_sample_details.contents         '1 mM peptide, 93% H2O/7% D2O' 
_pdbx_nmr_sample_details.solvent_system   '93% H2O/7% D2O' 
_pdbx_nmr_sample_details.label            'homoE helix cap peptide' 
_pdbx_nmr_sample_details.type             solid 
_pdbx_nmr_sample_details.details          ? 
# 
_pdbx_nmr_spectrometer.spectrometer_id   1 
_pdbx_nmr_spectrometer.model             'AVANCE III' 
_pdbx_nmr_spectrometer.type              ? 
_pdbx_nmr_spectrometer.manufacturer      Bruker 
_pdbx_nmr_spectrometer.field_strength    600 
_pdbx_nmr_spectrometer.details           CryoProbe 
# 
_pdbx_nmr_refine.entry_id           5TWW 
_pdbx_nmr_refine.method             'simulated annealing' 
_pdbx_nmr_refine.details            ? 
_pdbx_nmr_refine.software_ordinal   1 
# 
_pdbx_nmr_ensemble.entry_id                                      5TWW 
_pdbx_nmr_ensemble.conformers_calculated_total_number            50 
_pdbx_nmr_ensemble.conformers_submitted_total_number             5 
_pdbx_nmr_ensemble.conformer_selection_criteria                  'structures with the lowest energy' 
_pdbx_nmr_ensemble.representative_conformer                      ? 
_pdbx_nmr_ensemble.average_constraints_per_residue               ? 
_pdbx_nmr_ensemble.average_constraint_violations_per_residue     ? 
_pdbx_nmr_ensemble.maximum_distance_constraint_violation         ? 
_pdbx_nmr_ensemble.average_distance_constraint_violation         ? 
_pdbx_nmr_ensemble.maximum_upper_distance_constraint_violation   ? 
_pdbx_nmr_ensemble.maximum_lower_distance_constraint_violation   ? 
_pdbx_nmr_ensemble.distance_constraint_violation_method          ? 
_pdbx_nmr_ensemble.maximum_torsion_angle_constraint_violation    ? 
_pdbx_nmr_ensemble.average_torsion_angle_constraint_violation    ? 
_pdbx_nmr_ensemble.torsion_angle_constraint_violation_method     ? 
# 
_pdbx_nmr_representative.entry_id             5TWW 
_pdbx_nmr_representative.conformer_id         1 
_pdbx_nmr_representative.selection_criteria   'lowest energy' 
# 
loop_
_pdbx_nmr_software.ordinal 
_pdbx_nmr_software.classification 
_pdbx_nmr_software.name 
_pdbx_nmr_software.version 
_pdbx_nmr_software.authors 
1 refinement                  'X-PLOR NIH' ? 'Schwieters, Kuszewski, Tjandra and Clore' 
3 'chemical shift assignment' TopSpin      ? 'Bruker Biospin'                           
4 'peak picking'              TopSpin      ? 'Bruker Biospin'                           
# 
_exptl.absorpt_coefficient_mu     ? 
_exptl.absorpt_correction_T_max   ? 
_exptl.absorpt_correction_T_min   ? 
_exptl.absorpt_correction_type    ? 
_exptl.absorpt_process_details    ? 
_exptl.entry_id                   5TWW 
_exptl.crystals_number            ? 
_exptl.details                    ? 
_exptl.method                     'SOLUTION NMR' 
_exptl.method_details             ? 
# 
_struct.entry_id                     5TWW 
_struct.title                        'Alpha Helix Nucleation by a Simple Cyclic Tetrapeptide' 
_struct.pdbx_model_details           ? 
_struct.pdbx_formula_weight          ? 
_struct.pdbx_formula_weight_method   ? 
_struct.pdbx_model_type_details      ? 
_struct.pdbx_CASP_flag               N 
# 
_struct_keywords.entry_id        5TWW 
_struct_keywords.text            'Helix cap, DE NOVO PROTEIN' 
_struct_keywords.pdbx_keywords   'DE NOVO PROTEIN' 
# 
_struct_asym.id                            A 
_struct_asym.pdbx_blank_PDB_chainid_flag   N 
_struct_asym.pdbx_modified                 N 
_struct_asym.entity_id                     1 
_struct_asym.details                       ? 
# 
loop_
_struct_conf.conf_type_id 
_struct_conf.id 
_struct_conf.pdbx_PDB_helix_id 
_struct_conf.beg_label_comp_id 
_struct_conf.beg_label_asym_id 
_struct_conf.beg_label_seq_id 
_struct_conf.pdbx_beg_PDB_ins_code 
_struct_conf.end_label_comp_id 
_struct_conf.end_label_asym_id 
_struct_conf.end_label_seq_id 
_struct_conf.pdbx_end_PDB_ins_code 
_struct_conf.beg_auth_comp_id 
_struct_conf.beg_auth_asym_id 
_struct_conf.beg_auth_seq_id 
_struct_conf.end_auth_comp_id 
_struct_conf.end_auth_asym_id 
_struct_conf.end_auth_seq_id 
_struct_conf.pdbx_PDB_helix_class 
_struct_conf.details 
_struct_conf.pdbx_PDB_helix_length 
HELX_P HELX_P1 AA1 ALA A 2 ? ALA A 3  ? ALA A 2 ALA A 3  5 ? 2 
HELX_P HELX_P2 AA2 ALA A 5 ? ALA A 5  ? ALA A 5 ALA A 5  5 ? 1 
HELX_P HELX_P3 AA3 ARG A 6 ? ALA A 13 ? ARG A 6 ALA A 13 1 ? 8 
# 
_struct_conf_type.id          HELX_P 
_struct_conf_type.criteria    ? 
_struct_conf_type.reference   ? 
# 
loop_
_struct_conn.id 
_struct_conn.conn_type_id 
_struct_conn.pdbx_leaving_atom_flag 
_struct_conn.pdbx_PDB_id 
_struct_conn.ptnr1_label_asym_id 
_struct_conn.ptnr1_label_comp_id 
_struct_conn.ptnr1_label_seq_id 
_struct_conn.ptnr1_label_atom_id 
_struct_conn.pdbx_ptnr1_label_alt_id 
_struct_conn.pdbx_ptnr1_PDB_ins_code 
_struct_conn.pdbx_ptnr1_standard_comp_id 
_struct_conn.ptnr1_symmetry 
_struct_conn.ptnr2_label_asym_id 
_struct_conn.ptnr2_label_comp_id 
_struct_conn.ptnr2_label_seq_id 
_struct_conn.ptnr2_label_atom_id 
_struct_conn.pdbx_ptnr2_label_alt_id 
_struct_conn.pdbx_ptnr2_PDB_ins_code 
_struct_conn.ptnr1_auth_asym_id 
_struct_conn.ptnr1_auth_comp_id 
_struct_conn.ptnr1_auth_seq_id 
_struct_conn.ptnr2_auth_asym_id 
_struct_conn.ptnr2_auth_comp_id 
_struct_conn.ptnr2_auth_seq_id 
_struct_conn.ptnr2_symmetry 
_struct_conn.pdbx_ptnr3_label_atom_id 
_struct_conn.pdbx_ptnr3_label_seq_id 
_struct_conn.pdbx_ptnr3_label_comp_id 
_struct_conn.pdbx_ptnr3_label_asym_id 
_struct_conn.pdbx_ptnr3_label_alt_id 
_struct_conn.pdbx_ptnr3_PDB_ins_code 
_struct_conn.details 
_struct_conn.pdbx_dist_value 
_struct_conn.pdbx_value_order 
_struct_conn.pdbx_role 
covale1 covale one  ? A ALA 1  N ? ? ? 1_555 A UN1 4  "C1'" ? ? A ALA 1  A UN1 4  1_555 ? ? ? ? ? ? ? 1.331 ? ? 
covale2 covale both ? A ALA 3  C ? ? ? 1_555 A UN1 4  N     ? ? A ALA 3  A UN1 4  1_555 ? ? ? ? ? ? ? 1.327 ? ? 
covale3 covale both ? A UN1 4  C ? ? ? 1_555 A ALA 5  N     ? ? A UN1 4  A ALA 5  1_555 ? ? ? ? ? ? ? 1.329 ? ? 
covale4 covale both ? A ALA 13 C ? ? ? 1_555 A NH2 14 N     ? ? A ALA 13 A NH2 14 1_555 ? ? ? ? ? ? ? 1.328 ? ? 
# 
_struct_conn_type.id          covale 
_struct_conn_type.criteria    ? 
_struct_conn_type.reference   ? 
# 
_atom_sites.entry_id                    5TWW 
_atom_sites.fract_transf_matrix[1][1]   1.000000 
_atom_sites.fract_transf_matrix[1][2]   0.000000 
_atom_sites.fract_transf_matrix[1][3]   0.000000 
_atom_sites.fract_transf_matrix[2][1]   0.000000 
_atom_sites.fract_transf_matrix[2][2]   1.000000 
_atom_sites.fract_transf_matrix[2][3]   0.000000 
_atom_sites.fract_transf_matrix[3][1]   0.000000 
_atom_sites.fract_transf_matrix[3][2]   0.000000 
_atom_sites.fract_transf_matrix[3][3]   1.000000 
_atom_sites.fract_transf_vector[1]      0.00000 
_atom_sites.fract_transf_vector[2]      0.00000 
_atom_sites.fract_transf_vector[3]      0.00000 
# 
loop_
_atom_type.symbol 
C 
H 
N 
O 
# 
loop_
_atom_site.group_PDB 
_atom_site.id 
_atom_site.type_symbol 
_atom_site.label_atom_id 
_atom_site.label_alt_id 
_atom_site.label_comp_id 
_atom_site.label_asym_id 
_atom_site.label_entity_id 
_atom_site.label_seq_id 
_atom_site.pdbx_PDB_ins_code 
_atom_site.Cartn_x 
_atom_site.Cartn_y 
_atom_site.Cartn_z 
_atom_site.occupancy 
_atom_site.B_iso_or_equiv 
_atom_site.pdbx_formal_charge 
_atom_site.auth_seq_id 
_atom_site.auth_comp_id 
_atom_site.auth_asym_id 
_atom_site.auth_atom_id 
_atom_site.pdbx_PDB_model_num 
ATOM   1   N N     . ALA A 1 1  ? 6.587  -4.193 1.764   1.00 0.00 ? 1  ALA A N     1 
ATOM   2   C CA    . ALA A 1 1  ? 5.860  -5.094 2.652   1.00 0.00 ? 1  ALA A CA    1 
ATOM   3   C C     . ALA A 1 1  ? 4.969  -4.331 3.632   1.00 0.00 ? 1  ALA A C     1 
ATOM   4   O O     . ALA A 1 1  ? 3.767  -4.186 3.406   1.00 0.00 ? 1  ALA A O     1 
ATOM   5   C CB    . ALA A 1 1  ? 6.835  -5.985 3.406   1.00 0.00 ? 1  ALA A CB    1 
ATOM   6   H H     . ALA A 1 1  ? 7.224  -3.555 2.148   1.00 0.00 ? 1  ALA A H     1 
ATOM   7   H HA    . ALA A 1 1  ? 5.236  -5.729 2.039   1.00 0.00 ? 1  ALA A HA    1 
ATOM   8   H HB1   . ALA A 1 1  ? 6.434  -6.212 4.383   1.00 0.00 ? 1  ALA A HB1   1 
ATOM   9   H HB2   . ALA A 1 1  ? 7.780  -5.473 3.515   1.00 0.00 ? 1  ALA A HB2   1 
ATOM   10  H HB3   . ALA A 1 1  ? 6.984  -6.903 2.857   1.00 0.00 ? 1  ALA A HB3   1 
ATOM   11  N N     . ALA A 1 2  ? 5.560  -3.855 4.725   1.00 0.00 ? 2  ALA A N     1 
ATOM   12  C CA    . ALA A 1 2  ? 4.813  -3.120 5.742   1.00 0.00 ? 2  ALA A CA    1 
ATOM   13  C C     . ALA A 1 2  ? 4.071  -1.925 5.143   1.00 0.00 ? 2  ALA A C     1 
ATOM   14  O O     . ALA A 1 2  ? 2.940  -2.060 4.677   1.00 0.00 ? 2  ALA A O     1 
ATOM   15  C CB    . ALA A 1 2  ? 5.744  -2.678 6.864   1.00 0.00 ? 2  ALA A CB    1 
ATOM   16  H H     . ALA A 1 2  ? 6.519  -4.009 4.856   1.00 0.00 ? 2  ALA A H     1 
ATOM   17  H HA    . ALA A 1 2  ? 4.085  -3.798 6.165   1.00 0.00 ? 2  ALA A HA    1 
ATOM   18  H HB1   . ALA A 1 2  ? 6.630  -2.229 6.440   1.00 0.00 ? 2  ALA A HB1   1 
ATOM   19  H HB2   . ALA A 1 2  ? 6.024  -3.534 7.459   1.00 0.00 ? 2  ALA A HB2   1 
ATOM   20  H HB3   . ALA A 1 2  ? 5.238  -1.956 7.488   1.00 0.00 ? 2  ALA A HB3   1 
ATOM   21  N N     . ALA A 1 3  ? 4.709  -0.755 5.153   1.00 0.00 ? 3  ALA A N     1 
ATOM   22  C CA    . ALA A 1 3  ? 4.098  0.451  4.607   1.00 0.00 ? 3  ALA A CA    1 
ATOM   23  C C     . ALA A 1 3  ? 4.114  0.427  3.085   1.00 0.00 ? 3  ALA A C     1 
ATOM   24  O O     . ALA A 1 3  ? 3.224  0.973  2.432   1.00 0.00 ? 3  ALA A O     1 
ATOM   25  C CB    . ALA A 1 3  ? 4.818  1.688  5.125   1.00 0.00 ? 3  ALA A CB    1 
ATOM   26  H H     . ALA A 1 3  ? 5.610  -0.704 5.534   1.00 0.00 ? 3  ALA A H     1 
ATOM   27  H HA    . ALA A 1 3  ? 3.073  0.490  4.947   1.00 0.00 ? 3  ALA A HA    1 
ATOM   28  H HB1   . ALA A 1 3  ? 5.841  1.436  5.362   1.00 0.00 ? 3  ALA A HB1   1 
ATOM   29  H HB2   . ALA A 1 3  ? 4.321  2.049  6.014   1.00 0.00 ? 3  ALA A HB2   1 
ATOM   30  H HB3   . ALA A 1 3  ? 4.803  2.457  4.367   1.00 0.00 ? 3  ALA A HB3   1 
HETATM 31  C "C1'" . UN1 A 1 4  ? 6.412  -4.223 0.444   1.00 0.00 ? 4  UN1 A "C1'" 1 
HETATM 32  O "O1'" . UN1 A 1 4  ? 5.636  -5.003 -0.107  1.00 0.00 ? 4  UN1 A "O1'" 1 
HETATM 33  O O     . UN1 A 1 4  ? 3.402  -0.457 -0.416  1.00 0.00 ? 4  UN1 A O     1 
HETATM 34  C C1    . UN1 A 1 4  ? 7.234  -3.241 -0.369  1.00 0.00 ? 4  UN1 A C1    1 
HETATM 35  C C     . UN1 A 1 4  ? 4.051  -1.009 0.472   1.00 0.00 ? 4  UN1 A C     1 
HETATM 36  C CA    . UN1 A 1 4  ? 5.276  -0.329 1.083   1.00 0.00 ? 4  UN1 A CA    1 
HETATM 37  C C5    . UN1 A 1 4  ? 6.568  -1.098 0.760   1.00 0.00 ? 4  UN1 A C5    1 
HETATM 38  C C6    . UN1 A 1 4  ? 6.546  -1.897 -0.540  1.00 0.00 ? 4  UN1 A C6    1 
HETATM 39  N N     . UN1 A 1 4  ? 5.131  -0.218 2.528   1.00 0.00 ? 4  UN1 A N     1 
HETATM 40  H H1C1  . UN1 A 1 4  ? 8.179  -3.085 0.130   1.00 0.00 ? 4  UN1 A H1C1  1 
HETATM 41  H H1C2  . UN1 A 1 4  ? 7.411  -3.667 -1.346  1.00 0.00 ? 4  UN1 A H1C2  1 
HETATM 42  H HA    . UN1 A 1 4  ? 5.354  0.671  0.681   1.00 0.00 ? 4  UN1 A HA    1 
HETATM 43  H H5C1  . UN1 A 1 4  ? 6.768  -1.782 1.571   1.00 0.00 ? 4  UN1 A H5C1  1 
HETATM 44  H H5C2  . UN1 A 1 4  ? 7.380  -0.391 0.698   1.00 0.00 ? 4  UN1 A H5C2  1 
HETATM 45  H H6C1  . UN1 A 1 4  ? 7.060  -1.335 -1.304  1.00 0.00 ? 4  UN1 A H6C1  1 
HETATM 46  H H6C2  . UN1 A 1 4  ? 5.524  -2.065 -0.840  1.00 0.00 ? 4  UN1 A H6C2  1 
HETATM 47  H H     . UN1 A 1 4  ? 5.805  -0.634 3.106   1.00 0.00 ? 4  UN1 A H     1 
ATOM   48  N N     . ALA A 1 5  ? 3.743  -2.209 0.951   1.00 0.00 ? 5  ALA A N     1 
ATOM   49  C CA    . ALA A 1 5  ? 2.598  -2.959 0.449   1.00 0.00 ? 5  ALA A CA    1 
ATOM   50  C C     . ALA A 1 5  ? 1.286  -2.328 0.902   1.00 0.00 ? 5  ALA A C     1 
ATOM   51  O O     . ALA A 1 5  ? 0.290  -2.355 0.178   1.00 0.00 ? 5  ALA A O     1 
ATOM   52  C CB    . ALA A 1 5  ? 2.673  -4.408 0.909   1.00 0.00 ? 5  ALA A CB    1 
ATOM   53  H H     . ALA A 1 5  ? 4.298  -2.599 1.658   1.00 0.00 ? 5  ALA A H     1 
ATOM   54  H HA    . ALA A 1 5  ? 2.639  -2.947 -0.630  1.00 0.00 ? 5  ALA A HA    1 
ATOM   55  H HB1   . ALA A 1 5  ? 2.168  -4.511 1.857   1.00 0.00 ? 5  ALA A HB1   1 
ATOM   56  H HB2   . ALA A 1 5  ? 3.708  -4.697 1.019   1.00 0.00 ? 5  ALA A HB2   1 
ATOM   57  H HB3   . ALA A 1 5  ? 2.198  -5.043 0.176   1.00 0.00 ? 5  ALA A HB3   1 
ATOM   58  N N     . ARG A 1 6  ? 1.292  -1.758 2.102   1.00 0.00 ? 6  ARG A N     1 
ATOM   59  C CA    . ARG A 1 6  ? 0.101  -1.118 2.651   1.00 0.00 ? 6  ARG A CA    1 
ATOM   60  C C     . ARG A 1 6  ? -0.291 0.102  1.825   1.00 0.00 ? 6  ARG A C     1 
ATOM   61  O O     . ARG A 1 6  ? -1.398 0.172  1.289   1.00 0.00 ? 6  ARG A O     1 
ATOM   62  C CB    . ARG A 1 6  ? 0.341  -0.708 4.105   1.00 0.00 ? 6  ARG A CB    1 
ATOM   63  C CG    . ARG A 1 6  ? -0.067 -1.773 5.111   1.00 0.00 ? 6  ARG A CG    1 
ATOM   64  C CD    . ARG A 1 6  ? -1.518 -1.609 5.535   1.00 0.00 ? 6  ARG A CD    1 
ATOM   65  N NE    . ARG A 1 6  ? -1.682 -0.549 6.528   1.00 0.00 ? 6  ARG A NE    1 
ATOM   66  C CZ    . ARG A 1 6  ? -2.846 0.033  6.804   1.00 0.00 ? 6  ARG A CZ    1 
ATOM   67  N NH1   . ARG A 1 6  ? -3.950 -0.336 6.167   1.00 0.00 ? 6  ARG A NH1   1 
ATOM   68  N NH2   . ARG A 1 6  ? -2.907 0.989  7.721   1.00 0.00 ? 6  ARG A NH2   1 
ATOM   69  H H     . ARG A 1 6  ? 2.116  -1.767 2.632   1.00 0.00 ? 6  ARG A H     1 
ATOM   70  H HA    . ARG A 1 6  ? -0.705 -1.836 2.616   1.00 0.00 ? 6  ARG A HA    1 
ATOM   71  H HB2   . ARG A 1 6  ? 1.392  -0.500 4.240   1.00 0.00 ? 6  ARG A HB2   1 
ATOM   72  H HB3   . ARG A 1 6  ? -0.224 0.188  4.313   1.00 0.00 ? 6  ARG A HB3   1 
ATOM   73  H HG2   . ARG A 1 6  ? 0.058  -2.746 4.663   1.00 0.00 ? 6  ARG A HG2   1 
ATOM   74  H HG3   . ARG A 1 6  ? 0.565  -1.691 5.983   1.00 0.00 ? 6  ARG A HG3   1 
ATOM   75  H HD2   . ARG A 1 6  ? -2.110 -1.367 4.665   1.00 0.00 ? 6  ARG A HD2   1 
ATOM   76  H HD3   . ARG A 1 6  ? -1.864 -2.541 5.957   1.00 0.00 ? 6  ARG A HD3   1 
ATOM   77  H HE    . ARG A 1 6  ? -0.883 -0.257 7.015   1.00 0.00 ? 6  ARG A HE    1 
ATOM   78  H HH11  . ARG A 1 6  ? -3.911 -1.056 5.475   1.00 0.00 ? 6  ARG A HH11  1 
ATOM   79  H HH12  . ARG A 1 6  ? -4.821 0.106  6.379   1.00 0.00 ? 6  ARG A HH12  1 
ATOM   80  H HH21  . ARG A 1 6  ? -2.079 1.272  8.205   1.00 0.00 ? 6  ARG A HH21  1 
ATOM   81  H HH22  . ARG A 1 6  ? -3.782 1.429  7.929   1.00 0.00 ? 6  ARG A HH22  1 
ATOM   82  N N     . ALA A 1 7  ? 0.622  1.062  1.725   1.00 0.00 ? 7  ALA A N     1 
ATOM   83  C CA    . ALA A 1 7  ? 0.370  2.281  0.965   1.00 0.00 ? 7  ALA A CA    1 
ATOM   84  C C     . ALA A 1 7  ? 0.064  1.964  -0.495  1.00 0.00 ? 7  ALA A C     1 
ATOM   85  O O     . ALA A 1 7  ? -0.682 2.690  -1.153  1.00 0.00 ? 7  ALA A O     1 
ATOM   86  C CB    . ALA A 1 7  ? 1.564  3.219  1.065   1.00 0.00 ? 7  ALA A CB    1 
ATOM   87  H H     . ALA A 1 7  ? 1.486  0.949  2.175   1.00 0.00 ? 7  ALA A H     1 
ATOM   88  H HA    . ALA A 1 7  ? -0.484 2.776  1.403   1.00 0.00 ? 7  ALA A HA    1 
ATOM   89  H HB1   . ALA A 1 7  ? 1.214  4.239  1.140   1.00 0.00 ? 7  ALA A HB1   1 
ATOM   90  H HB2   . ALA A 1 7  ? 2.180  3.113  0.184   1.00 0.00 ? 7  ALA A HB2   1 
ATOM   91  H HB3   . ALA A 1 7  ? 2.145  2.972  1.941   1.00 0.00 ? 7  ALA A HB3   1 
ATOM   92  N N     . ALA A 1 8  ? 0.643  0.878  -0.995  1.00 0.00 ? 8  ALA A N     1 
ATOM   93  C CA    . ALA A 1 8  ? 0.432  0.465  -2.378  1.00 0.00 ? 8  ALA A CA    1 
ATOM   94  C C     . ALA A 1 8  ? -1.048 0.228  -2.661  1.00 0.00 ? 8  ALA A C     1 
ATOM   95  O O     . ALA A 1 8  ? -1.594 0.745  -3.636  1.00 0.00 ? 8  ALA A O     1 
ATOM   96  C CB    . ALA A 1 8  ? 1.239  -0.788 -2.682  1.00 0.00 ? 8  ALA A CB    1 
ATOM   97  H H     . ALA A 1 8  ? 1.228  0.340  -0.421  1.00 0.00 ? 8  ALA A H     1 
ATOM   98  H HA    . ALA A 1 8  ? 0.788  1.258  -3.019  1.00 0.00 ? 8  ALA A HA    1 
ATOM   99  H HB1   . ALA A 1 8  ? 0.677  -1.426 -3.349  1.00 0.00 ? 8  ALA A HB1   1 
ATOM   100 H HB2   . ALA A 1 8  ? 1.441  -1.318 -1.763  1.00 0.00 ? 8  ALA A HB2   1 
ATOM   101 H HB3   . ALA A 1 8  ? 2.171  -0.511 -3.151  1.00 0.00 ? 8  ALA A HB3   1 
ATOM   102 N N     . ARG A 1 9  ? -1.692 -0.560 -1.805  1.00 0.00 ? 9  ARG A N     1 
ATOM   103 C CA    . ARG A 1 9  ? -3.109 -0.866 -1.966  1.00 0.00 ? 9  ARG A CA    1 
ATOM   104 C C     . ARG A 1 9  ? -3.968 0.364  -1.691  1.00 0.00 ? 9  ARG A C     1 
ATOM   105 O O     . ARG A 1 9  ? -5.064 0.501  -2.235  1.00 0.00 ? 9  ARG A O     1 
ATOM   106 C CB    . ARG A 1 9  ? -3.516 -2.006 -1.031  1.00 0.00 ? 9  ARG A CB    1 
ATOM   107 C CG    . ARG A 1 9  ? -4.965 -2.435 -1.192  1.00 0.00 ? 9  ARG A CG    1 
ATOM   108 C CD    . ARG A 1 9  ? -5.289 -3.644 -0.329  1.00 0.00 ? 9  ARG A CD    1 
ATOM   109 N NE    . ARG A 1 9  ? -4.530 -4.827 -0.733  1.00 0.00 ? 9  ARG A NE    1 
ATOM   110 C CZ    . ARG A 1 9  ? -3.317 -5.126 -0.271  1.00 0.00 ? 9  ARG A CZ    1 
ATOM   111 N NH1   . ARG A 1 9  ? -2.714 -4.333 0.606   1.00 0.00 ? 9  ARG A NH1   1 
ATOM   112 N NH2   . ARG A 1 9  ? -2.703 -6.224 -0.691  1.00 0.00 ? 9  ARG A NH2   1 
ATOM   113 H H     . ARG A 1 9  ? -1.202 -0.943 -1.048  1.00 0.00 ? 9  ARG A H     1 
ATOM   114 H HA    . ARG A 1 9  ? -3.265 -1.178 -2.987  1.00 0.00 ? 9  ARG A HA    1 
ATOM   115 H HB2   . ARG A 1 9  ? -2.885 -2.860 -1.228  1.00 0.00 ? 9  ARG A HB2   1 
ATOM   116 H HB3   . ARG A 1 9  ? -3.368 -1.689 -0.009  1.00 0.00 ? 9  ARG A HB3   1 
ATOM   117 H HG2   . ARG A 1 9  ? -5.607 -1.617 -0.902  1.00 0.00 ? 9  ARG A HG2   1 
ATOM   118 H HG3   . ARG A 1 9  ? -5.142 -2.685 -2.228  1.00 0.00 ? 9  ARG A HG3   1 
ATOM   119 H HD2   . ARG A 1 9  ? -5.058 -3.411 0.699   1.00 0.00 ? 9  ARG A HD2   1 
ATOM   120 H HD3   . ARG A 1 9  ? -6.345 -3.859 -0.418  1.00 0.00 ? 9  ARG A HD3   1 
ATOM   121 H HE    . ARG A 1 9  ? -4.948 -5.431 -1.381  1.00 0.00 ? 9  ARG A HE    1 
ATOM   122 H HH11  . ARG A 1 9  ? -3.168 -3.503 0.927   1.00 0.00 ? 9  ARG A HH11  1 
ATOM   123 H HH12  . ARG A 1 9  ? -1.803 -4.566 0.946   1.00 0.00 ? 9  ARG A HH12  1 
ATOM   124 H HH21  . ARG A 1 9  ? -3.151 -6.825 -1.353  1.00 0.00 ? 9  ARG A HH21  1 
ATOM   125 H HH22  . ARG A 1 9  ? -1.792 -6.450 -0.347  1.00 0.00 ? 9  ARG A HH22  1 
ATOM   126 N N     . ALA A 1 10 ? -3.465 1.257  -0.843  1.00 0.00 ? 10 ALA A N     1 
ATOM   127 C CA    . ALA A 1 10 ? -4.189 2.474  -0.497  1.00 0.00 ? 10 ALA A CA    1 
ATOM   128 C C     . ALA A 1 10 ? -4.521 3.290  -1.741  1.00 0.00 ? 10 ALA A C     1 
ATOM   129 O O     . ALA A 1 10 ? -5.687 3.432  -2.110  1.00 0.00 ? 10 ALA A O     1 
ATOM   130 C CB    . ALA A 1 10 ? -3.377 3.309  0.482   1.00 0.00 ? 10 ALA A CB    1 
ATOM   131 H H     . ALA A 1 10 ? -2.587 1.093  -0.440  1.00 0.00 ? 10 ALA A H     1 
ATOM   132 H HA    . ALA A 1 10 ? -5.110 2.187  -0.010  1.00 0.00 ? 10 ALA A HA    1 
ATOM   133 H HB1   . ALA A 1 10 ? -3.976 4.137  0.831   1.00 0.00 ? 10 ALA A HB1   1 
ATOM   134 H HB2   . ALA A 1 10 ? -2.495 3.687  -0.013  1.00 0.00 ? 10 ALA A HB2   1 
ATOM   135 H HB3   . ALA A 1 10 ? -3.084 2.697  1.322   1.00 0.00 ? 10 ALA A HB3   1 
ATOM   136 N N     . ALA A 1 11 ? -3.489 3.825  -2.386  1.00 0.00 ? 11 ALA A N     1 
ATOM   137 C CA    . ALA A 1 11 ? -3.670 4.627  -3.589  1.00 0.00 ? 11 ALA A CA    1 
ATOM   138 C C     . ALA A 1 11 ? -4.321 3.810  -4.700  1.00 0.00 ? 11 ALA A C     1 
ATOM   139 O O     . ALA A 1 11 ? -5.050 4.347  -5.534  1.00 0.00 ? 11 ALA A O     1 
ATOM   140 C CB    . ALA A 1 11 ? -2.335 5.188  -4.056  1.00 0.00 ? 11 ALA A CB    1 
ATOM   141 H H     . ALA A 1 11 ? -2.583 3.676  -2.042  1.00 0.00 ? 11 ALA A H     1 
ATOM   142 H HA    . ALA A 1 11 ? -4.316 5.457  -3.341  1.00 0.00 ? 11 ALA A HA    1 
ATOM   143 H HB1   . ALA A 1 11 ? -2.334 5.263  -5.133  1.00 0.00 ? 11 ALA A HB1   1 
ATOM   144 H HB2   . ALA A 1 11 ? -1.539 4.530  -3.740  1.00 0.00 ? 11 ALA A HB2   1 
ATOM   145 H HB3   . ALA A 1 11 ? -2.187 6.167  -3.625  1.00 0.00 ? 11 ALA A HB3   1 
ATOM   146 N N     . ARG A 1 12 ? -4.052 2.509  -4.707  1.00 0.00 ? 12 ARG A N     1 
ATOM   147 C CA    . ARG A 1 12 ? -4.611 1.617  -5.716  1.00 0.00 ? 12 ARG A CA    1 
ATOM   148 C C     . ARG A 1 12 ? -6.125 1.498  -5.559  1.00 0.00 ? 12 ARG A C     1 
ATOM   149 O O     . ARG A 1 12 ? -6.847 1.321  -6.539  1.00 0.00 ? 12 ARG A O     1 
ATOM   150 C CB    . ARG A 1 12 ? -3.965 0.234  -5.620  1.00 0.00 ? 12 ARG A CB    1 
ATOM   151 C CG    . ARG A 1 12 ? -4.458 -0.744 -6.675  1.00 0.00 ? 12 ARG A CG    1 
ATOM   152 C CD    . ARG A 1 12 ? -4.305 -0.179 -8.079  1.00 0.00 ? 12 ARG A CD    1 
ATOM   153 N NE    . ARG A 1 12 ? -3.021 0.494  -8.264  1.00 0.00 ? 12 ARG A NE    1 
ATOM   154 C CZ    . ARG A 1 12 ? -1.854 -0.142 -8.344  1.00 0.00 ? 12 ARG A CZ    1 
ATOM   155 N NH1   . ARG A 1 12 ? -1.805 -1.466 -8.255  1.00 0.00 ? 12 ARG A NH1   1 
ATOM   156 N NH2   . ARG A 1 12 ? -0.734 0.547  -8.513  1.00 0.00 ? 12 ARG A NH2   1 
ATOM   157 H H     . ARG A 1 12 ? -3.464 2.138  -4.015  1.00 0.00 ? 12 ARG A H     1 
ATOM   158 H HA    . ARG A 1 12 ? -4.395 2.039  -6.686  1.00 0.00 ? 12 ARG A HA    1 
ATOM   159 H HB2   . ARG A 1 12 ? -2.897 0.340  -5.730  1.00 0.00 ? 12 ARG A HB2   1 
ATOM   160 H HB3   . ARG A 1 12 ? -4.178 -0.184 -4.646  1.00 0.00 ? 12 ARG A HB3   1 
ATOM   161 H HG2   . ARG A 1 12 ? -3.886 -1.656 -6.601  1.00 0.00 ? 12 ARG A HG2   1 
ATOM   162 H HG3   . ARG A 1 12 ? -5.502 -0.957 -6.494  1.00 0.00 ? 12 ARG A HG3   1 
ATOM   163 H HD2   . ARG A 1 12 ? -4.381 -0.989 -8.790  1.00 0.00 ? 12 ARG A HD2   1 
ATOM   164 H HD3   . ARG A 1 12 ? -5.101 0.529  -8.257  1.00 0.00 ? 12 ARG A HD3   1 
ATOM   165 H HE    . ARG A 1 12 ? -3.029 1.471  -8.333  1.00 0.00 ? 12 ARG A HE    1 
ATOM   166 H HH11  . ARG A 1 12 ? -2.645 -1.991 -8.128  1.00 0.00 ? 12 ARG A HH11  1 
ATOM   167 H HH12  . ARG A 1 12 ? -0.925 -1.937 -8.316  1.00 0.00 ? 12 ARG A HH12  1 
ATOM   168 H HH21  . ARG A 1 12 ? -0.767 1.545  -8.580  1.00 0.00 ? 12 ARG A HH21  1 
ATOM   169 H HH22  . ARG A 1 12 ? 0.142  0.070  -8.573  1.00 0.00 ? 12 ARG A HH22  1 
ATOM   170 N N     . ALA A 1 13 ? -6.596 1.596  -4.320  1.00 0.00 ? 13 ALA A N     1 
ATOM   171 C CA    . ALA A 1 13 ? -8.023 1.498  -4.036  1.00 0.00 ? 13 ALA A CA    1 
ATOM   172 C C     . ALA A 1 13 ? -8.687 2.869  -4.090  1.00 0.00 ? 13 ALA A C     1 
ATOM   173 O O     . ALA A 1 13 ? -9.840 2.996  -4.503  1.00 0.00 ? 13 ALA A O     1 
ATOM   174 C CB    . ALA A 1 13 ? -8.247 0.853  -2.677  1.00 0.00 ? 13 ALA A CB    1 
ATOM   175 H H     . ALA A 1 13 ? -5.969 1.736  -3.580  1.00 0.00 ? 13 ALA A H     1 
ATOM   176 H HA    . ALA A 1 13 ? -8.469 0.863  -4.788  1.00 0.00 ? 13 ALA A HA    1 
ATOM   177 H HB1   . ALA A 1 13 ? -8.409 1.622  -1.936  1.00 0.00 ? 13 ALA A HB1   1 
ATOM   178 H HB2   . ALA A 1 13 ? -7.378 0.271  -2.407  1.00 0.00 ? 13 ALA A HB2   1 
ATOM   179 H HB3   . ALA A 1 13 ? -9.112 0.208  -2.723  1.00 0.00 ? 13 ALA A HB3   1 
HETATM 180 N N     . NH2 A 1 14 ? -7.959 3.898  -3.671  1.00 0.00 ? 14 NH2 A N     1 
HETATM 181 H HN1   . NH2 A 1 14 ? -7.049 3.721  -3.355  1.00 0.00 ? 14 NH2 A HN1   1 
HETATM 182 H HN2   . NH2 A 1 14 ? -8.362 4.790  -3.695  1.00 0.00 ? 14 NH2 A HN2   1 
ATOM   183 N N     . ALA A 1 1  ? 6.439  -4.828 1.900   1.00 0.00 ? 1  ALA A N     2 
ATOM   184 C CA    . ALA A 1 1  ? 5.673  -5.726 2.751   1.00 0.00 ? 1  ALA A CA    2 
ATOM   185 C C     . ALA A 1 1  ? 4.642  -4.942 3.556   1.00 0.00 ? 1  ALA A C     2 
ATOM   186 O O     . ALA A 1 1  ? 3.473  -4.861 3.176   1.00 0.00 ? 1  ALA A O     2 
ATOM   187 C CB    . ALA A 1 1  ? 6.599  -6.505 3.674   1.00 0.00 ? 1  ALA A CB    2 
ATOM   188 H H     . ALA A 1 1  ? 6.844  -4.027 2.294   1.00 0.00 ? 1  ALA A H     2 
ATOM   189 H HA    . ALA A 1 1  ? 5.157  -6.431 2.114   1.00 0.00 ? 1  ALA A HA    2 
ATOM   190 H HB1   . ALA A 1 1  ? 7.505  -5.941 3.834   1.00 0.00 ? 1  ALA A HB1   2 
ATOM   191 H HB2   . ALA A 1 1  ? 6.842  -7.456 3.222   1.00 0.00 ? 1  ALA A HB2   2 
ATOM   192 H HB3   . ALA A 1 1  ? 6.107  -6.673 4.620   1.00 0.00 ? 1  ALA A HB3   2 
ATOM   193 N N     . ALA A 1 2  ? 5.085  -4.351 4.660   1.00 0.00 ? 2  ALA A N     2 
ATOM   194 C CA    . ALA A 1 2  ? 4.205  -3.559 5.508   1.00 0.00 ? 2  ALA A CA    2 
ATOM   195 C C     . ALA A 1 2  ? 4.141  -2.120 5.014   1.00 0.00 ? 2  ALA A C     2 
ATOM   196 O O     . ALA A 1 2  ? 3.085  -1.488 5.036   1.00 0.00 ? 2  ALA A O     2 
ATOM   197 C CB    . ALA A 1 2  ? 4.678  -3.606 6.953   1.00 0.00 ? 2  ALA A CB    2 
ATOM   198 H H     . ALA A 1 2  ? 6.031  -4.440 4.905   1.00 0.00 ? 2  ALA A H     2 
ATOM   199 H HA    . ALA A 1 2  ? 3.217  -3.991 5.459   1.00 0.00 ? 2  ALA A HA    2 
ATOM   200 H HB1   . ALA A 1 2  ? 5.272  -4.495 7.108   1.00 0.00 ? 2  ALA A HB1   2 
ATOM   201 H HB2   . ALA A 1 2  ? 3.820  -3.627 7.611   1.00 0.00 ? 2  ALA A HB2   2 
ATOM   202 H HB3   . ALA A 1 2  ? 5.274  -2.732 7.166   1.00 0.00 ? 2  ALA A HB3   2 
ATOM   203 N N     . ALA A 1 3  ? 5.283  -1.612 4.562   1.00 0.00 ? 3  ALA A N     2 
ATOM   204 C CA    . ALA A 1 3  ? 5.367  -0.249 4.053   1.00 0.00 ? 3  ALA A CA    2 
ATOM   205 C C     . ALA A 1 3  ? 4.904  -0.178 2.603   1.00 0.00 ? 3  ALA A C     2 
ATOM   206 O O     . ALA A 1 3  ? 4.353  0.832  2.164   1.00 0.00 ? 3  ALA A O     2 
ATOM   207 C CB    . ALA A 1 3  ? 6.789  0.275  4.181   1.00 0.00 ? 3  ALA A CB    2 
ATOM   208 H H     . ALA A 1 3  ? 6.087  -2.170 4.566   1.00 0.00 ? 3  ALA A H     2 
ATOM   209 H HA    . ALA A 1 3  ? 4.723  0.374  4.657   1.00 0.00 ? 3  ALA A HA    2 
ATOM   210 H HB1   . ALA A 1 3  ? 7.354  0.008  3.300   1.00 0.00 ? 3  ALA A HB1   2 
ATOM   211 H HB2   . ALA A 1 3  ? 7.256  -0.159 5.054   1.00 0.00 ? 3  ALA A HB2   2 
ATOM   212 H HB3   . ALA A 1 3  ? 6.770  1.351  4.283   1.00 0.00 ? 3  ALA A HB3   2 
HETATM 213 C "C1'" . UN1 A 1 4  ? 6.595  -5.057 0.601   1.00 0.00 ? 4  UN1 A "C1'" 2 
HETATM 214 O "O1'" . UN1 A 1 4  ? 6.109  -6.032 0.028   1.00 0.00 ? 4  UN1 A "O1'" 2 
HETATM 215 O O     . UN1 A 1 4  ? 2.564  -0.804 -0.453  1.00 0.00 ? 4  UN1 A O     2 
HETATM 216 C C1    . UN1 A 1 4  ? 7.406  -4.027 -0.161  1.00 0.00 ? 4  UN1 A C1    2 
HETATM 217 C C     . UN1 A 1 4  ? 3.211  -1.476 0.349   1.00 0.00 ? 4  UN1 A C     2 
HETATM 218 C CA    . UN1 A 1 4  ? 4.723  -1.320 0.461   1.00 0.00 ? 4  UN1 A CA    2 
HETATM 219 C C5    . UN1 A 1 4  ? 5.418  -2.481 -0.256  1.00 0.00 ? 4  UN1 A C5    2 
HETATM 220 C C6    . UN1 A 1 4  ? 6.902  -2.607 0.061   1.00 0.00 ? 4  UN1 A C6    2 
HETATM 221 N N     . UN1 A 1 4  ? 5.126  -1.260 1.861   1.00 0.00 ? 4  UN1 A N     2 
HETATM 222 H H1C1  . UN1 A 1 4  ? 8.435  -4.086 0.165   1.00 0.00 ? 4  UN1 A H1C1  2 
HETATM 223 H H1C2  . UN1 A 1 4  ? 7.350  -4.255 -1.215  1.00 0.00 ? 4  UN1 A H1C2  2 
HETATM 224 H HA    . UN1 A 1 4  ? 5.013  -0.391 -0.007  1.00 0.00 ? 4  UN1 A HA    2 
HETATM 225 H H5C1  . UN1 A 1 4  ? 5.311  -2.342 -1.323  1.00 0.00 ? 4  UN1 A H5C1  2 
HETATM 226 H H5C2  . UN1 A 1 4  ? 4.932  -3.402 0.026   1.00 0.00 ? 4  UN1 A H5C2  2 
HETATM 227 H H6C1  . UN1 A 1 4  ? 7.066  -2.334 1.092   1.00 0.00 ? 4  UN1 A H6C1  2 
HETATM 228 H H6C2  . UN1 A 1 4  ? 7.455  -1.937 -0.581  1.00 0.00 ? 4  UN1 A H6C2  2 
HETATM 229 H H     . UN1 A 1 4  ? 5.564  -2.037 2.268   1.00 0.00 ? 4  UN1 A H     2 
ATOM   230 N N     . ALA A 1 5  ? 2.654  -2.370 1.162   1.00 0.00 ? 5  ALA A N     2 
ATOM   231 C CA    . ALA A 1 5  ? 1.217  -2.615 1.156   1.00 0.00 ? 5  ALA A CA    2 
ATOM   232 C C     . ALA A 1 5  ? 0.448  -1.382 1.615   1.00 0.00 ? 5  ALA A C     2 
ATOM   233 O O     . ALA A 1 5  ? -0.607 -1.058 1.071   1.00 0.00 ? 5  ALA A O     2 
ATOM   234 C CB    . ALA A 1 5  ? 0.883  -3.808 2.039   1.00 0.00 ? 5  ALA A CB    2 
ATOM   235 H H     . ALA A 1 5  ? 3.222  -2.876 1.781   1.00 0.00 ? 5  ALA A H     2 
ATOM   236 H HA    . ALA A 1 5  ? 0.923  -2.854 0.144   1.00 0.00 ? 5  ALA A HA    2 
ATOM   237 H HB1   . ALA A 1 5  ? 1.420  -3.726 2.973   1.00 0.00 ? 5  ALA A HB1   2 
ATOM   238 H HB2   . ALA A 1 5  ? 1.170  -4.719 1.538   1.00 0.00 ? 5  ALA A HB2   2 
ATOM   239 H HB3   . ALA A 1 5  ? -0.180 -3.824 2.235   1.00 0.00 ? 5  ALA A HB3   2 
ATOM   240 N N     . ARG A 1 6  ? 0.982  -0.696 2.621   1.00 0.00 ? 6  ARG A N     2 
ATOM   241 C CA    . ARG A 1 6  ? 0.343  0.503  3.155   1.00 0.00 ? 6  ARG A CA    2 
ATOM   242 C C     . ARG A 1 6  ? 0.140  1.550  2.063   1.00 0.00 ? 6  ARG A C     2 
ATOM   243 O O     . ARG A 1 6  ? -0.988 1.955  1.778   1.00 0.00 ? 6  ARG A O     2 
ATOM   244 C CB    . ARG A 1 6  ? 1.185  1.092  4.288   1.00 0.00 ? 6  ARG A CB    2 
ATOM   245 C CG    . ARG A 1 6  ? 0.357  1.625  5.448   1.00 0.00 ? 6  ARG A CG    2 
ATOM   246 C CD    . ARG A 1 6  ? 0.439  0.712  6.663   1.00 0.00 ? 6  ARG A CD    2 
ATOM   247 N NE    . ARG A 1 6  ? -0.882 0.258  7.094   1.00 0.00 ? 6  ARG A NE    2 
ATOM   248 C CZ    . ARG A 1 6  ? -1.553 -0.730 6.508   1.00 0.00 ? 6  ARG A CZ    2 
ATOM   249 N NH1   . ARG A 1 6  ? -1.033 -1.372 5.469   1.00 0.00 ? 6  ARG A NH1   2 
ATOM   250 N NH2   . ARG A 1 6  ? -2.749 -1.078 6.963   1.00 0.00 ? 6  ARG A NH2   2 
ATOM   251 H H     . ARG A 1 6  ? 1.825  -1.004 3.017   1.00 0.00 ? 6  ARG A H     2 
ATOM   252 H HA    . ARG A 1 6  ? -0.622 0.218  3.546   1.00 0.00 ? 6  ARG A HA    2 
ATOM   253 H HB2   . ARG A 1 6  ? 1.845  0.326  4.666   1.00 0.00 ? 6  ARG A HB2   2 
ATOM   254 H HB3   . ARG A 1 6  ? 1.779  1.904  3.895   1.00 0.00 ? 6  ARG A HB3   2 
ATOM   255 H HG2   . ARG A 1 6  ? 0.726  2.603  5.721   1.00 0.00 ? 6  ARG A HG2   2 
ATOM   256 H HG3   . ARG A 1 6  ? -0.674 1.703  5.135   1.00 0.00 ? 6  ARG A HG3   2 
ATOM   257 H HD2   . ARG A 1 6  ? 1.041  -0.148 6.414   1.00 0.00 ? 6  ARG A HD2   2 
ATOM   258 H HD3   . ARG A 1 6  ? 0.905  1.254  7.473   1.00 0.00 ? 6  ARG A HD3   2 
ATOM   259 H HE    . ARG A 1 6  ? -1.289 0.715  7.860   1.00 0.00 ? 6  ARG A HE    2 
ATOM   260 H HH11  . ARG A 1 6  ? -0.132 -1.114 5.121   1.00 0.00 ? 6  ARG A HH11  2 
ATOM   261 H HH12  . ARG A 1 6  ? -1.543 -2.114 5.034   1.00 0.00 ? 6  ARG A HH12  2 
ATOM   262 H HH21  . ARG A 1 6  ? -3.146 -0.599 7.745   1.00 0.00 ? 6  ARG A HH21  2 
ATOM   263 H HH22  . ARG A 1 6  ? -3.255 -1.821 6.523   1.00 0.00 ? 6  ARG A HH22  2 
ATOM   264 N N     . ALA A 1 7  ? 1.240  1.987  1.458   1.00 0.00 ? 7  ALA A N     2 
ATOM   265 C CA    . ALA A 1 7  ? 1.185  2.989  0.401   1.00 0.00 ? 7  ALA A CA    2 
ATOM   266 C C     . ALA A 1 7  ? 0.466  2.458  -0.834  1.00 0.00 ? 7  ALA A C     2 
ATOM   267 O O     . ALA A 1 7  ? -0.420 3.118  -1.380  1.00 0.00 ? 7  ALA A O     2 
ATOM   268 C CB    . ALA A 1 7  ? 2.590  3.447  0.038   1.00 0.00 ? 7  ALA A CB    2 
ATOM   269 H H     . ALA A 1 7  ? 2.110  1.628  1.731   1.00 0.00 ? 7  ALA A H     2 
ATOM   270 H HA    . ALA A 1 7  ? 0.643  3.843  0.780   1.00 0.00 ? 7  ALA A HA    2 
ATOM   271 H HB1   . ALA A 1 7  ? 3.115  3.742  0.935   1.00 0.00 ? 7  ALA A HB1   2 
ATOM   272 H HB2   . ALA A 1 7  ? 2.532  4.286  -0.638  1.00 0.00 ? 7  ALA A HB2   2 
ATOM   273 H HB3   . ALA A 1 7  ? 3.120  2.636  -0.439  1.00 0.00 ? 7  ALA A HB3   2 
ATOM   274 N N     . ALA A 1 8  ? 0.851  1.264  -1.273  1.00 0.00 ? 8  ALA A N     2 
ATOM   275 C CA    . ALA A 1 8  ? 0.244  0.649  -2.448  1.00 0.00 ? 8  ALA A CA    2 
ATOM   276 C C     . ALA A 1 8  ? -1.264 0.494  -2.278  1.00 0.00 ? 8  ALA A C     2 
ATOM   277 O O     . ALA A 1 8  ? -2.025 0.648  -3.232  1.00 0.00 ? 8  ALA A O     2 
ATOM   278 C CB    . ALA A 1 8  ? 0.886  -0.702 -2.727  1.00 0.00 ? 8  ALA A CB    2 
ATOM   279 H H     . ALA A 1 8  ? 1.565  0.788  -0.798  1.00 0.00 ? 8  ALA A H     2 
ATOM   280 H HA    . ALA A 1 8  ? 0.435  1.291  -3.295  1.00 0.00 ? 8  ALA A HA    2 
ATOM   281 H HB1   . ALA A 1 8  ? 0.665  -1.003 -3.740  1.00 0.00 ? 8  ALA A HB1   2 
ATOM   282 H HB2   . ALA A 1 8  ? 0.494  -1.436 -2.039  1.00 0.00 ? 8  ALA A HB2   2 
ATOM   283 H HB3   . ALA A 1 8  ? 1.956  -0.624 -2.600  1.00 0.00 ? 8  ALA A HB3   2 
ATOM   284 N N     . ARG A 1 9  ? -1.690 0.187  -1.056  1.00 0.00 ? 9  ARG A N     2 
ATOM   285 C CA    . ARG A 1 9  ? -3.109 0.012  -0.764  1.00 0.00 ? 9  ARG A CA    2 
ATOM   286 C C     . ARG A 1 9  ? -3.887 1.289  -1.061  1.00 0.00 ? 9  ARG A C     2 
ATOM   287 O O     . ARG A 1 9  ? -4.896 1.266  -1.764  1.00 0.00 ? 9  ARG A O     2 
ATOM   288 C CB    . ARG A 1 9  ? -3.304 -0.394 0.698   1.00 0.00 ? 9  ARG A CB    2 
ATOM   289 C CG    . ARG A 1 9  ? -4.761 -0.563 1.096   1.00 0.00 ? 9  ARG A CG    2 
ATOM   290 C CD    . ARG A 1 9  ? -4.906 -1.479 2.302   1.00 0.00 ? 9  ARG A CD    2 
ATOM   291 N NE    . ARG A 1 9  ? -4.353 -2.807 2.050   1.00 0.00 ? 9  ARG A NE    2 
ATOM   292 C CZ    . ARG A 1 9  ? -4.231 -3.749 2.983   1.00 0.00 ? 9  ARG A CZ    2 
ATOM   293 N NH1   . ARG A 1 9  ? -4.621 -3.511 4.229   1.00 0.00 ? 9  ARG A NH1   2 
ATOM   294 N NH2   . ARG A 1 9  ? -3.719 -4.931 2.670   1.00 0.00 ? 9  ARG A NH2   2 
ATOM   295 H H     . ARG A 1 9  ? -1.036 0.077  -0.335  1.00 0.00 ? 9  ARG A H     2 
ATOM   296 H HA    . ARG A 1 9  ? -3.481 -0.774 -1.399  1.00 0.00 ? 9  ARG A HA    2 
ATOM   297 H HB2   . ARG A 1 9  ? -2.797 -1.331 0.870   1.00 0.00 ? 9  ARG A HB2   2 
ATOM   298 H HB3   . ARG A 1 9  ? -2.866 0.363  1.332   1.00 0.00 ? 9  ARG A HB3   2 
ATOM   299 H HG2   . ARG A 1 9  ? -5.173 0.405  1.342   1.00 0.00 ? 9  ARG A HG2   2 
ATOM   300 H HG3   . ARG A 1 9  ? -5.305 -0.988 0.265   1.00 0.00 ? 9  ARG A HG3   2 
ATOM   301 H HD2   . ARG A 1 9  ? -4.387 -1.037 3.139   1.00 0.00 ? 9  ARG A HD2   2 
ATOM   302 H HD3   . ARG A 1 9  ? -5.955 -1.575 2.541   1.00 0.00 ? 9  ARG A HD3   2 
ATOM   303 H HE    . ARG A 1 9  ? -4.056 -3.009 1.138   1.00 0.00 ? 9  ARG A HE    2 
ATOM   304 H HH11  . ARG A 1 9  ? -5.007 -2.623 4.473   1.00 0.00 ? 9  ARG A HH11  2 
ATOM   305 H HH12  . ARG A 1 9  ? -4.528 -4.224 4.926   1.00 0.00 ? 9  ARG A HH12  2 
ATOM   306 H HH21  . ARG A 1 9  ? -3.424 -5.116 1.732   1.00 0.00 ? 9  ARG A HH21  2 
ATOM   307 H HH22  . ARG A 1 9  ? -3.628 -5.638 3.371   1.00 0.00 ? 9  ARG A HH22  2 
ATOM   308 N N     . ALA A 1 10 ? -3.408 2.399  -0.518  1.00 0.00 ? 10 ALA A N     2 
ATOM   309 C CA    . ALA A 1 10 ? -4.052 3.691  -0.719  1.00 0.00 ? 10 ALA A CA    2 
ATOM   310 C C     . ALA A 1 10 ? -4.150 4.037  -2.202  1.00 0.00 ? 10 ALA A C     2 
ATOM   311 O O     . ALA A 1 10 ? -5.032 4.789  -2.617  1.00 0.00 ? 10 ALA A O     2 
ATOM   312 C CB    . ALA A 1 10 ? -3.296 4.779  0.028   1.00 0.00 ? 10 ALA A CB    2 
ATOM   313 H H     . ALA A 1 10 ? -2.600 2.348  0.031   1.00 0.00 ? 10 ALA A H     2 
ATOM   314 H HA    . ALA A 1 10 ? -5.049 3.633  -0.308  1.00 0.00 ? 10 ALA A HA    2 
ATOM   315 H HB1   . ALA A 1 10 ? -2.707 4.332  0.814   1.00 0.00 ? 10 ALA A HB1   2 
ATOM   316 H HB2   . ALA A 1 10 ? -4.000 5.476  0.458   1.00 0.00 ? 10 ALA A HB2   2 
ATOM   317 H HB3   . ALA A 1 10 ? -2.645 5.302  -0.658  1.00 0.00 ? 10 ALA A HB3   2 
ATOM   318 N N     . ALA A 1 11 ? -3.239 3.484  -2.998  1.00 0.00 ? 11 ALA A N     2 
ATOM   319 C CA    . ALA A 1 11 ? -3.225 3.739  -4.434  1.00 0.00 ? 11 ALA A CA    2 
ATOM   320 C C     . ALA A 1 11 ? -4.244 2.866  -5.159  1.00 0.00 ? 11 ALA A C     2 
ATOM   321 O O     . ALA A 1 11 ? -5.221 3.367  -5.716  1.00 0.00 ? 11 ALA A O     2 
ATOM   322 C CB    . ALA A 1 11 ? -1.830 3.502  -4.995  1.00 0.00 ? 11 ALA A CB    2 
ATOM   323 H H     . ALA A 1 11 ? -2.561 2.894  -2.611  1.00 0.00 ? 11 ALA A H     2 
ATOM   324 H HA    . ALA A 1 11 ? -3.479 4.777  -4.591  1.00 0.00 ? 11 ALA A HA    2 
ATOM   325 H HB1   . ALA A 1 11 ? -1.319 2.767  -4.392  1.00 0.00 ? 11 ALA A HB1   2 
ATOM   326 H HB2   . ALA A 1 11 ? -1.276 4.429  -4.981  1.00 0.00 ? 11 ALA A HB2   2 
ATOM   327 H HB3   . ALA A 1 11 ? -1.908 3.145  -6.011  1.00 0.00 ? 11 ALA A HB3   2 
ATOM   328 N N     . ARG A 1 12 ? -4.008 1.557  -5.153  1.00 0.00 ? 12 ARG A N     2 
ATOM   329 C CA    . ARG A 1 12 ? -4.902 0.614  -5.814  1.00 0.00 ? 12 ARG A CA    2 
ATOM   330 C C     . ARG A 1 12 ? -6.323 0.727  -5.268  1.00 0.00 ? 12 ARG A C     2 
ATOM   331 O O     . ARG A 1 12 ? -7.296 0.564  -6.004  1.00 0.00 ? 12 ARG A O     2 
ATOM   332 C CB    . ARG A 1 12 ? -4.390 -0.817 -5.639  1.00 0.00 ? 12 ARG A CB    2 
ATOM   333 C CG    . ARG A 1 12 ? -4.136 -1.199 -4.189  1.00 0.00 ? 12 ARG A CG    2 
ATOM   334 C CD    . ARG A 1 12 ? -2.787 -1.879 -4.017  1.00 0.00 ? 12 ARG A CD    2 
ATOM   335 N NE    . ARG A 1 12 ? -2.844 -3.301 -4.352  1.00 0.00 ? 12 ARG A NE    2 
ATOM   336 C CZ    . ARG A 1 12 ? -1.772 -4.084 -4.448  1.00 0.00 ? 12 ARG A CZ    2 
ATOM   337 N NH1   . ARG A 1 12 ? -0.559 -3.589 -4.240  1.00 0.00 ? 12 ARG A NH1   2 
ATOM   338 N NH2   . ARG A 1 12 ? -1.913 -5.367 -4.754  1.00 0.00 ? 12 ARG A NH2   2 
ATOM   339 H H     . ARG A 1 12 ? -3.211 1.218  -4.695  1.00 0.00 ? 12 ARG A H     2 
ATOM   340 H HA    . ARG A 1 12 ? -4.916 0.854  -6.867  1.00 0.00 ? 12 ARG A HA    2 
ATOM   341 H HB2   . ARG A 1 12 ? -5.119 -1.501 -6.047  1.00 0.00 ? 12 ARG A HB2   2 
ATOM   342 H HB3   . ARG A 1 12 ? -3.465 -0.924 -6.186  1.00 0.00 ? 12 ARG A HB3   2 
ATOM   343 H HG2   . ARG A 1 12 ? -4.157 -0.306 -3.584  1.00 0.00 ? 12 ARG A HG2   2 
ATOM   344 H HG3   . ARG A 1 12 ? -4.915 -1.875 -3.865  1.00 0.00 ? 12 ARG A HG3   2 
ATOM   345 H HD2   . ARG A 1 12 ? -2.070 -1.397 -4.664  1.00 0.00 ? 12 ARG A HD2   2 
ATOM   346 H HD3   . ARG A 1 12 ? -2.473 -1.773 -2.989  1.00 0.00 ? 12 ARG A HD3   2 
ATOM   347 H HE    . ARG A 1 12 ? -3.728 -3.693 -4.512  1.00 0.00 ? 12 ARG A HE    2 
ATOM   348 H HH11  . ARG A 1 12 ? -0.445 -2.623 -4.008  1.00 0.00 ? 12 ARG A HH11  2 
ATOM   349 H HH12  . ARG A 1 12 ? 0.242  -4.182 -4.313  1.00 0.00 ? 12 ARG A HH12  2 
ATOM   350 H HH21  . ARG A 1 12 ? -2.825 -5.745 -4.912  1.00 0.00 ? 12 ARG A HH21  2 
ATOM   351 H HH22  . ARG A 1 12 ? -1.108 -5.954 -4.827  1.00 0.00 ? 12 ARG A HH22  2 
ATOM   352 N N     . ALA A 1 13 ? -6.434 1.009  -3.974  1.00 0.00 ? 13 ALA A N     2 
ATOM   353 C CA    . ALA A 1 13 ? -7.735 1.145  -3.332  1.00 0.00 ? 13 ALA A CA    2 
ATOM   354 C C     . ALA A 1 13 ? -8.360 2.500  -3.637  1.00 0.00 ? 13 ALA A C     2 
ATOM   355 O O     . ALA A 1 13 ? -9.354 2.592  -4.356  1.00 0.00 ? 13 ALA A O     2 
ATOM   356 C CB    . ALA A 1 13 ? -7.607 0.944  -1.829  1.00 0.00 ? 13 ALA A CB    2 
ATOM   357 H H     . ALA A 1 13 ? -5.621 1.129  -3.440  1.00 0.00 ? 13 ALA A H     2 
ATOM   358 H HA    . ALA A 1 13 ? -8.379 0.372  -3.720  1.00 0.00 ? 13 ALA A HA    2 
ATOM   359 H HB1   . ALA A 1 13 ? -8.592 0.906  -1.386  1.00 0.00 ? 13 ALA A HB1   2 
ATOM   360 H HB2   . ALA A 1 13 ? -7.052 1.767  -1.402  1.00 0.00 ? 13 ALA A HB2   2 
ATOM   361 H HB3   . ALA A 1 13 ? -7.088 0.018  -1.633  1.00 0.00 ? 13 ALA A HB3   2 
HETATM 362 N N     . NH2 A 1 14 ? -7.774 3.554  -3.086  1.00 0.00 ? 14 NH2 A N     2 
HETATM 363 H HN1   . NH2 A 1 14 ? -6.985 3.400  -2.525  1.00 0.00 ? 14 NH2 A HN1   2 
HETATM 364 H HN2   . NH2 A 1 14 ? -8.151 4.441  -3.263  1.00 0.00 ? 14 NH2 A HN2   2 
ATOM   365 N N     . ALA A 1 1  ? 7.226  -4.721 2.508   1.00 0.00 ? 1  ALA A N     3 
ATOM   366 C CA    . ALA A 1 1  ? 6.820  -5.005 3.880   1.00 0.00 ? 1  ALA A CA    3 
ATOM   367 C C     . ALA A 1 1  ? 5.487  -4.320 4.191   1.00 0.00 ? 1  ALA A C     3 
ATOM   368 O O     . ALA A 1 1  ? 4.692  -4.065 3.286   1.00 0.00 ? 1  ALA A O     3 
ATOM   369 C CB    . ALA A 1 1  ? 7.904  -4.552 4.850   1.00 0.00 ? 1  ALA A CB    3 
ATOM   370 H H     . ALA A 1 1  ? 7.507  -5.455 1.925   1.00 0.00 ? 1  ALA A H     3 
ATOM   371 H HA    . ALA A 1 1  ? 6.698  -6.074 3.980   1.00 0.00 ? 1  ALA A HA    3 
ATOM   372 H HB1   . ALA A 1 1  ? 8.875  -4.757 4.425   1.00 0.00 ? 1  ALA A HB1   3 
ATOM   373 H HB2   . ALA A 1 1  ? 7.799  -5.088 5.783   1.00 0.00 ? 1  ALA A HB2   3 
ATOM   374 H HB3   . ALA A 1 1  ? 7.806  -3.492 5.030   1.00 0.00 ? 1  ALA A HB3   3 
ATOM   375 N N     . ALA A 1 2  ? 5.245  -4.012 5.461   1.00 0.00 ? 2  ALA A N     3 
ATOM   376 C CA    . ALA A 1 2  ? 4.009  -3.349 5.856   1.00 0.00 ? 2  ALA A CA    3 
ATOM   377 C C     . ALA A 1 2  ? 3.868  -1.993 5.164   1.00 0.00 ? 2  ALA A C     3 
ATOM   378 O O     . ALA A 1 2  ? 2.767  -1.448 5.064   1.00 0.00 ? 2  ALA A O     3 
ATOM   379 C CB    . ALA A 1 2  ? 3.960  -3.181 7.367   1.00 0.00 ? 2  ALA A CB    3 
ATOM   380 H H     . ALA A 1 2  ? 5.912  -4.229 6.146   1.00 0.00 ? 2  ALA A H     3 
ATOM   381 H HA    . ALA A 1 2  ? 3.183  -3.981 5.561   1.00 0.00 ? 2  ALA A HA    3 
ATOM   382 H HB1   . ALA A 1 2  ? 4.613  -3.905 7.831   1.00 0.00 ? 2  ALA A HB1   3 
ATOM   383 H HB2   . ALA A 1 2  ? 2.949  -3.335 7.713   1.00 0.00 ? 2  ALA A HB2   3 
ATOM   384 H HB3   . ALA A 1 2  ? 4.283  -2.184 7.629   1.00 0.00 ? 2  ALA A HB3   3 
ATOM   385 N N     . ALA A 1 3  ? 4.989  -1.451 4.690   1.00 0.00 ? 3  ALA A N     3 
ATOM   386 C CA    . ALA A 1 3  ? 4.990  -0.156 4.013   1.00 0.00 ? 3  ALA A CA    3 
ATOM   387 C C     . ALA A 1 3  ? 4.435  -0.264 2.597   1.00 0.00 ? 3  ALA A C     3 
ATOM   388 O O     . ALA A 1 3  ? 3.357  0.252  2.301   1.00 0.00 ? 3  ALA A O     3 
ATOM   389 C CB    . ALA A 1 3  ? 6.398  0.419  3.984   1.00 0.00 ? 3  ALA A CB    3 
ATOM   390 H H     . ALA A 1 3  ? 5.836  -1.928 4.802   1.00 0.00 ? 3  ALA A H     3 
ATOM   391 H HA    . ALA A 1 3  ? 4.367  0.514  4.579   1.00 0.00 ? 3  ALA A HA    3 
ATOM   392 H HB1   . ALA A 1 3  ? 6.512  1.048  3.114   1.00 0.00 ? 3  ALA A HB1   3 
ATOM   393 H HB2   . ALA A 1 3  ? 7.116  -0.387 3.943   1.00 0.00 ? 3  ALA A HB2   3 
ATOM   394 H HB3   . ALA A 1 3  ? 6.566  1.004  4.877   1.00 0.00 ? 3  ALA A HB3   3 
HETATM 395 C "C1'" . UN1 A 1 4  ? 7.220  -3.488 2.029   1.00 0.00 ? 4  UN1 A "C1'" 3 
HETATM 396 O "O1'" . UN1 A 1 4  ? 6.883  -2.512 2.695   1.00 0.00 ? 4  UN1 A "O1'" 3 
HETATM 397 O O     . UN1 A 1 4  ? 2.617  -1.221 -0.721  1.00 0.00 ? 4  UN1 A O     3 
HETATM 398 C C1    . UN1 A 1 4  ? 7.655  -3.337 0.591   1.00 0.00 ? 4  UN1 A C1    3 
HETATM 399 C C     . UN1 A 1 4  ? 3.311  -1.539 0.244   1.00 0.00 ? 4  UN1 A C     3 
HETATM 400 C CA    . UN1 A 1 4  ? 4.774  -1.112 0.333   1.00 0.00 ? 4  UN1 A CA    3 
HETATM 401 C C5    . UN1 A 1 4  ? 5.655  -2.154 -0.369  1.00 0.00 ? 4  UN1 A C5    3 
HETATM 402 C C6    . UN1 A 1 4  ? 7.139  -2.051 -0.041  1.00 0.00 ? 4  UN1 A C6    3 
HETATM 403 N N     . UN1 A 1 4  ? 5.182  -0.934 1.727   1.00 0.00 ? 4  UN1 A N     3 
HETATM 404 H H1C1  . UN1 A 1 4  ? 8.732  -3.346 0.556   1.00 0.00 ? 4  UN1 A H1C1  3 
HETATM 405 H H1C2  . UN1 A 1 4  ? 7.273  -4.176 0.029   1.00 0.00 ? 4  UN1 A H1C2  3 
HETATM 406 H HA    . UN1 A 1 4  ? 4.889  -0.162 -0.168  1.00 0.00 ? 4  UN1 A HA    3 
HETATM 407 H H5C1  . UN1 A 1 4  ? 5.539  -2.039 -1.438  1.00 0.00 ? 4  UN1 A H5C1  3 
HETATM 408 H H5C2  . UN1 A 1 4  ? 5.314  -3.139 -0.088  1.00 0.00 ? 4  UN1 A H5C2  3 
HETATM 409 H H6C1  . UN1 A 1 4  ? 7.293  -1.234 0.648   1.00 0.00 ? 4  UN1 A H6C1  3 
HETATM 410 H H6C2  . UN1 A 1 4  ? 7.688  -1.865 -0.952  1.00 0.00 ? 4  UN1 A H6C2  3 
HETATM 411 H H     . UN1 A 1 4  ? 6.028  -1.316 2.030   1.00 0.00 ? 4  UN1 A H     3 
ATOM   412 N N     . ALA A 1 5  ? 2.850  -2.260 1.261   1.00 0.00 ? 5  ALA A N     3 
ATOM   413 C CA    . ALA A 1 5  ? 1.472  -2.732 1.304   1.00 0.00 ? 5  ALA A CA    3 
ATOM   414 C C     . ALA A 1 5  ? 0.497  -1.566 1.433   1.00 0.00 ? 5  ALA A C     3 
ATOM   415 O O     . ALA A 1 5  ? -0.385 -1.386 0.594   1.00 0.00 ? 5  ALA A O     3 
ATOM   416 C CB    . ALA A 1 5  ? 1.285  -3.708 2.456   1.00 0.00 ? 5  ALA A CB    3 
ATOM   417 H H     . ALA A 1 5  ? 3.452  -2.480 2.003   1.00 0.00 ? 5  ALA A H     3 
ATOM   418 H HA    . ALA A 1 5  ? 1.270  -3.257 0.382   1.00 0.00 ? 5  ALA A HA    3 
ATOM   419 H HB1   . ALA A 1 5  ? 2.046  -4.473 2.405   1.00 0.00 ? 5  ALA A HB1   3 
ATOM   420 H HB2   . ALA A 1 5  ? 0.309  -4.165 2.387   1.00 0.00 ? 5  ALA A HB2   3 
ATOM   421 H HB3   . ALA A 1 5  ? 1.369  -3.178 3.393   1.00 0.00 ? 5  ALA A HB3   3 
ATOM   422 N N     . ARG A 1 6  ? 0.662  -0.778 2.491   1.00 0.00 ? 6  ARG A N     3 
ATOM   423 C CA    . ARG A 1 6  ? -0.203 0.371  2.729   1.00 0.00 ? 6  ARG A CA    3 
ATOM   424 C C     . ARG A 1 6  ? -0.110 1.374  1.581   1.00 0.00 ? 6  ARG A C     3 
ATOM   425 O O     . ARG A 1 6  ? -1.066 2.093  1.292   1.00 0.00 ? 6  ARG A O     3 
ATOM   426 C CB    . ARG A 1 6  ? 0.168  1.049  4.051   1.00 0.00 ? 6  ARG A CB    3 
ATOM   427 C CG    . ARG A 1 6  ? -0.972 1.089  5.055   1.00 0.00 ? 6  ARG A CG    3 
ATOM   428 C CD    . ARG A 1 6  ? -2.106 1.983  4.578   1.00 0.00 ? 6  ARG A CD    3 
ATOM   429 N NE    . ARG A 1 6  ? -3.271 1.905  5.454   1.00 0.00 ? 6  ARG A NE    3 
ATOM   430 C CZ    . ARG A 1 6  ? -4.163 0.918  5.418   1.00 0.00 ? 6  ARG A CZ    3 
ATOM   431 N NH1   . ARG A 1 6  ? -4.023 -0.081 4.554   1.00 0.00 ? 6  ARG A NH1   3 
ATOM   432 N NH2   . ARG A 1 6  ? -5.197 0.928  6.248   1.00 0.00 ? 6  ARG A NH2   3 
ATOM   433 H H     . ARG A 1 6  ? 1.384  -0.972 3.126   1.00 0.00 ? 6  ARG A H     3 
ATOM   434 H HA    . ARG A 1 6  ? -1.220 0.012  2.794   1.00 0.00 ? 6  ARG A HA    3 
ATOM   435 H HB2   . ARG A 1 6  ? 0.993  0.515  4.496   1.00 0.00 ? 6  ARG A HB2   3 
ATOM   436 H HB3   . ARG A 1 6  ? 0.476  2.066  3.849   1.00 0.00 ? 6  ARG A HB3   3 
ATOM   437 H HG2   . ARG A 1 6  ? -1.351 0.088  5.196   1.00 0.00 ? 6  ARG A HG2   3 
ATOM   438 H HG3   . ARG A 1 6  ? -0.598 1.469  5.995   1.00 0.00 ? 6  ARG A HG3   3 
ATOM   439 H HD2   . ARG A 1 6  ? -1.755 3.004  4.551   1.00 0.00 ? 6  ARG A HD2   3 
ATOM   440 H HD3   . ARG A 1 6  ? -2.393 1.675  3.583   1.00 0.00 ? 6  ARG A HD3   3 
ATOM   441 H HE    . ARG A 1 6  ? -3.398 2.629  6.103   1.00 0.00 ? 6  ARG A HE    3 
ATOM   442 H HH11  . ARG A 1 6  ? -3.246 -0.095 3.927   1.00 0.00 ? 6  ARG A HH11  3 
ATOM   443 H HH12  . ARG A 1 6  ? -4.697 -0.820 4.532   1.00 0.00 ? 6  ARG A HH12  3 
ATOM   444 H HH21  . ARG A 1 6  ? -5.307 1.677  6.900   1.00 0.00 ? 6  ARG A HH21  3 
ATOM   445 H HH22  . ARG A 1 6  ? -5.867 0.186  6.220   1.00 0.00 ? 6  ARG A HH22  3 
ATOM   446 N N     . ALA A 1 7  ? 1.049  1.416  0.931   1.00 0.00 ? 7  ALA A N     3 
ATOM   447 C CA    . ALA A 1 7  ? 1.268  2.330  -0.183  1.00 0.00 ? 7  ALA A CA    3 
ATOM   448 C C     . ALA A 1 7  ? 0.476  1.903  -1.414  1.00 0.00 ? 7  ALA A C     3 
ATOM   449 O O     . ALA A 1 7  ? -0.147 2.729  -2.082  1.00 0.00 ? 7  ALA A O     3 
ATOM   450 C CB    . ALA A 1 7  ? 2.751  2.412  -0.512  1.00 0.00 ? 7  ALA A CB    3 
ATOM   451 H H     . ALA A 1 7  ? 1.775  0.819  1.209   1.00 0.00 ? 7  ALA A H     3 
ATOM   452 H HA    . ALA A 1 7  ? 0.938  3.313  0.122   1.00 0.00 ? 7  ALA A HA    3 
ATOM   453 H HB1   . ALA A 1 7  ? 2.888  2.979  -1.422  1.00 0.00 ? 7  ALA A HB1   3 
ATOM   454 H HB2   . ALA A 1 7  ? 3.145  1.415  -0.648  1.00 0.00 ? 7  ALA A HB2   3 
ATOM   455 H HB3   . ALA A 1 7  ? 3.274  2.898  0.297   1.00 0.00 ? 7  ALA A HB3   3 
ATOM   456 N N     . ALA A 1 8  ? 0.506  0.607  -1.710  1.00 0.00 ? 8  ALA A N     3 
ATOM   457 C CA    . ALA A 1 8  ? -0.207 0.070  -2.865  1.00 0.00 ? 8  ALA A CA    3 
ATOM   458 C C     . ALA A 1 8  ? -1.695 -0.089 -2.572  1.00 0.00 ? 8  ALA A C     3 
ATOM   459 O O     . ALA A 1 8  ? -2.533 0.075  -3.459  1.00 0.00 ? 8  ALA A O     3 
ATOM   460 C CB    . ALA A 1 8  ? 0.396  -1.262 -3.281  1.00 0.00 ? 8  ALA A CB    3 
ATOM   461 H H     . ALA A 1 8  ? 1.022  -0.001 -1.142  1.00 0.00 ? 8  ALA A H     3 
ATOM   462 H HA    . ALA A 1 8  ? -0.084 0.765  -3.683  1.00 0.00 ? 8  ALA A HA    3 
ATOM   463 H HB1   . ALA A 1 8  ? 0.310  -1.966 -2.466  1.00 0.00 ? 8  ALA A HB1   3 
ATOM   464 H HB2   . ALA A 1 8  ? 1.438  -1.125 -3.529  1.00 0.00 ? 8  ALA A HB2   3 
ATOM   465 H HB3   . ALA A 1 8  ? -0.132 -1.643 -4.143  1.00 0.00 ? 8  ALA A HB3   3 
ATOM   466 N N     . ARG A 1 9  ? -2.018 -0.414 -1.324  1.00 0.00 ? 9  ARG A N     3 
ATOM   467 C CA    . ARG A 1 9  ? -3.407 -0.600 -0.918  1.00 0.00 ? 9  ARG A CA    3 
ATOM   468 C C     . ARG A 1 9  ? -4.172 0.717  -0.966  1.00 0.00 ? 9  ARG A C     3 
ATOM   469 O O     . ARG A 1 9  ? -5.305 0.773  -1.447  1.00 0.00 ? 9  ARG A O     3 
ATOM   470 C CB    . ARG A 1 9  ? -3.474 -1.195 0.489   1.00 0.00 ? 9  ARG A CB    3 
ATOM   471 C CG    . ARG A 1 9  ? -4.858 -1.692 0.873   1.00 0.00 ? 9  ARG A CG    3 
ATOM   472 C CD    . ARG A 1 9  ? -5.159 -3.043 0.242   1.00 0.00 ? 9  ARG A CD    3 
ATOM   473 N NE    . ARG A 1 9  ? -6.583 -3.366 0.297   1.00 0.00 ? 9  ARG A NE    3 
ATOM   474 C CZ    . ARG A 1 9  ? -7.516 -2.724 -0.402  1.00 0.00 ? 9  ARG A CZ    3 
ATOM   475 N NH1   . ARG A 1 9  ? -7.180 -1.731 -1.216  1.00 0.00 ? 9  ARG A NH1   3 
ATOM   476 N NH2   . ARG A 1 9  ? -8.789 -3.078 -0.289  1.00 0.00 ? 9  ARG A NH2   3 
ATOM   477 H H     . ARG A 1 9  ? -1.306 -0.535 -0.662  1.00 0.00 ? 9  ARG A H     3 
ATOM   478 H HA    . ARG A 1 9  ? -3.862 -1.289 -1.611  1.00 0.00 ? 9  ARG A HA    3 
ATOM   479 H HB2   . ARG A 1 9  ? -2.786 -2.024 0.551   1.00 0.00 ? 9  ARG A HB2   3 
ATOM   480 H HB3   . ARG A 1 9  ? -3.177 -0.438 1.201   1.00 0.00 ? 9  ARG A HB3   3 
ATOM   481 H HG2   . ARG A 1 9  ? -4.911 -1.788 1.946   1.00 0.00 ? 9  ARG A HG2   3 
ATOM   482 H HG3   . ARG A 1 9  ? -5.593 -0.976 0.537   1.00 0.00 ? 9  ARG A HG3   3 
ATOM   483 H HD2   . ARG A 1 9  ? -4.844 -3.021 -0.790  1.00 0.00 ? 9  ARG A HD2   3 
ATOM   484 H HD3   . ARG A 1 9  ? -4.605 -3.804 0.772   1.00 0.00 ? 9  ARG A HD3   3 
ATOM   485 H HE    . ARG A 1 9  ? -6.858 -4.099 0.887   1.00 0.00 ? 9  ARG A HE    3 
ATOM   486 H HH11  . ARG A 1 9  ? -6.222 -1.460 -1.306  1.00 0.00 ? 9  ARG A HH11  3 
ATOM   487 H HH12  . ARG A 1 9  ? -7.885 -1.253 -1.738  1.00 0.00 ? 9  ARG A HH12  3 
ATOM   488 H HH21  . ARG A 1 9  ? -9.048 -3.827 0.321   1.00 0.00 ? 9  ARG A HH21  3 
ATOM   489 H HH22  . ARG A 1 9  ? -9.491 -2.596 -0.813  1.00 0.00 ? 9  ARG A HH22  3 
ATOM   490 N N     . ALA A 1 10 ? -3.547 1.773  -0.462  1.00 0.00 ? 10 ALA A N     3 
ATOM   491 C CA    . ALA A 1 10 ? -4.168 3.093  -0.443  1.00 0.00 ? 10 ALA A CA    3 
ATOM   492 C C     . ALA A 1 10 ? -4.158 3.725  -1.831  1.00 0.00 ? 10 ALA A C     3 
ATOM   493 O O     . ALA A 1 10 ? -5.123 4.372  -2.236  1.00 0.00 ? 10 ALA A O     3 
ATOM   494 C CB    . ALA A 1 10 ? -3.458 3.995  0.555   1.00 0.00 ? 10 ALA A CB    3 
ATOM   495 H H     . ALA A 1 10 ? -2.647 1.661  -0.093  1.00 0.00 ? 10 ALA A H     3 
ATOM   496 H HA    . ALA A 1 10 ? -5.191 2.974  -0.120  1.00 0.00 ? 10 ALA A HA    3 
ATOM   497 H HB1   . ALA A 1 10 ? -3.715 5.024  0.357   1.00 0.00 ? 10 ALA A HB1   3 
ATOM   498 H HB2   . ALA A 1 10 ? -2.390 3.866  0.460   1.00 0.00 ? 10 ALA A HB2   3 
ATOM   499 H HB3   . ALA A 1 10 ? -3.764 3.734  1.557   1.00 0.00 ? 10 ALA A HB3   3 
ATOM   500 N N     . ALA A 1 11 ? -3.060 3.532  -2.556  1.00 0.00 ? 11 ALA A N     3 
ATOM   501 C CA    . ALA A 1 11 ? -2.925 4.082  -3.898  1.00 0.00 ? 11 ALA A CA    3 
ATOM   502 C C     . ALA A 1 11 ? -3.886 3.405  -4.869  1.00 0.00 ? 11 ALA A C     3 
ATOM   503 O O     . ALA A 1 11 ? -4.700 4.065  -5.516  1.00 0.00 ? 11 ALA A O     3 
ATOM   504 C CB    . ALA A 1 11 ? -1.491 3.939  -4.385  1.00 0.00 ? 11 ALA A CB    3 
ATOM   505 H H     . ALA A 1 11 ? -2.325 3.006  -2.179  1.00 0.00 ? 11 ALA A H     3 
ATOM   506 H HA    . ALA A 1 11 ? -3.160 5.136  -3.851  1.00 0.00 ? 11 ALA A HA    3 
ATOM   507 H HB1   . ALA A 1 11 ? -0.831 4.489  -3.730  1.00 0.00 ? 11 ALA A HB1   3 
ATOM   508 H HB2   . ALA A 1 11 ? -1.411 4.329  -5.388  1.00 0.00 ? 11 ALA A HB2   3 
ATOM   509 H HB3   . ALA A 1 11 ? -1.213 2.895  -4.382  1.00 0.00 ? 11 ALA A HB3   3 
ATOM   510 N N     . ARG A 1 12 ? -3.788 2.083  -4.964  1.00 0.00 ? 12 ARG A N     3 
ATOM   511 C CA    . ARG A 1 12 ? -4.650 1.316  -5.856  1.00 0.00 ? 12 ARG A CA    3 
ATOM   512 C C     . ARG A 1 12 ? -6.115 1.471  -5.462  1.00 0.00 ? 12 ARG A C     3 
ATOM   513 O O     . ARG A 1 12 ? -7.004 1.430  -6.314  1.00 0.00 ? 12 ARG A O     3 
ATOM   514 C CB    . ARG A 1 12 ? -4.257 -0.163 -5.831  1.00 0.00 ? 12 ARG A CB    3 
ATOM   515 C CG    . ARG A 1 12 ? -5.093 -1.030 -6.758  1.00 0.00 ? 12 ARG A CG    3 
ATOM   516 C CD    . ARG A 1 12 ? -4.293 -2.206 -7.298  1.00 0.00 ? 12 ARG A CD    3 
ATOM   517 N NE    . ARG A 1 12 ? -4.655 -3.461 -6.644  1.00 0.00 ? 12 ARG A NE    3 
ATOM   518 C CZ    . ARG A 1 12 ? -4.178 -3.848 -5.462  1.00 0.00 ? 12 ARG A CZ    3 
ATOM   519 N NH1   . ARG A 1 12 ? -3.315 -3.083 -4.803  1.00 0.00 ? 12 ARG A NH1   3 
ATOM   520 N NH2   . ARG A 1 12 ? -4.564 -5.002 -4.938  1.00 0.00 ? 12 ARG A NH2   3 
ATOM   521 H H     . ARG A 1 12 ? -3.120 1.613  -4.423  1.00 0.00 ? 12 ARG A H     3 
ATOM   522 H HA    . ARG A 1 12 ? -4.515 1.698  -6.857  1.00 0.00 ? 12 ARG A HA    3 
ATOM   523 H HB2   . ARG A 1 12 ? -3.221 -0.254 -6.124  1.00 0.00 ? 12 ARG A HB2   3 
ATOM   524 H HB3   . ARG A 1 12 ? -4.371 -0.537 -4.824  1.00 0.00 ? 12 ARG A HB3   3 
ATOM   525 H HG2   . ARG A 1 12 ? -5.944 -1.408 -6.213  1.00 0.00 ? 12 ARG A HG2   3 
ATOM   526 H HG3   . ARG A 1 12 ? -5.435 -0.428 -7.588  1.00 0.00 ? 12 ARG A HG3   3 
ATOM   527 H HD2   . ARG A 1 12 ? -4.483 -2.297 -8.357  1.00 0.00 ? 12 ARG A HD2   3 
ATOM   528 H HD3   . ARG A 1 12 ? -3.242 -2.015 -7.137  1.00 0.00 ? 12 ARG A HD3   3 
ATOM   529 H HE    . ARG A 1 12 ? -5.288 -4.047 -7.108  1.00 0.00 ? 12 ARG A HE    3 
ATOM   530 H HH11  . ARG A 1 12 ? -3.019 -2.213 -5.191  1.00 0.00 ? 12 ARG A HH11  3 
ATOM   531 H HH12  . ARG A 1 12 ? -2.963 -3.381 -3.915  1.00 0.00 ? 12 ARG A HH12  3 
ATOM   532 H HH21  . ARG A 1 12 ? -5.213 -5.583 -5.430  1.00 0.00 ? 12 ARG A HH21  3 
ATOM   533 H HH22  . ARG A 1 12 ? -4.207 -5.293 -4.050  1.00 0.00 ? 12 ARG A HH22  3 
ATOM   534 N N     . ALA A 1 13 ? -6.360 1.652  -4.169  1.00 0.00 ? 13 ALA A N     3 
ATOM   535 C CA    . ALA A 1 13 ? -7.717 1.815  -3.663  1.00 0.00 ? 13 ALA A CA    3 
ATOM   536 C C     . ALA A 1 13 ? -8.392 3.029  -4.289  1.00 0.00 ? 13 ALA A C     3 
ATOM   537 O O     . ALA A 1 13 ? -9.209 2.898  -5.201  1.00 0.00 ? 13 ALA A O     3 
ATOM   538 C CB    . ALA A 1 13 ? -7.703 1.937  -2.146  1.00 0.00 ? 13 ALA A CB    3 
ATOM   539 H H     . ALA A 1 13 ? -5.609 1.676  -3.539  1.00 0.00 ? 13 ALA A H     3 
ATOM   540 H HA    . ALA A 1 13 ? -8.277 0.931  -3.923  1.00 0.00 ? 13 ALA A HA    3 
ATOM   541 H HB1   . ALA A 1 13 ? -7.675 0.952  -1.705  1.00 0.00 ? 13 ALA A HB1   3 
ATOM   542 H HB2   . ALA A 1 13 ? -8.594 2.453  -1.819  1.00 0.00 ? 13 ALA A HB2   3 
ATOM   543 H HB3   . ALA A 1 13 ? -6.830 2.495  -1.838  1.00 0.00 ? 13 ALA A HB3   3 
HETATM 544 N N     . NH2 A 1 14 ? -8.049 4.213  -3.799  1.00 0.00 ? 14 NH2 A N     3 
HETATM 545 H HN1   . NH2 A 1 14 ? -7.392 4.238  -3.074  1.00 0.00 ? 14 NH2 A HN1   3 
HETATM 546 H HN2   . NH2 A 1 14 ? -8.466 5.012  -4.183  1.00 0.00 ? 14 NH2 A HN2   3 
ATOM   547 N N     . ALA A 1 1  ? 7.462  -3.583 2.203   1.00 0.00 ? 1  ALA A N     4 
ATOM   548 C CA    . ALA A 1 1  ? 7.177  -4.171 3.501   1.00 0.00 ? 1  ALA A CA    4 
ATOM   549 C C     . ALA A 1 1  ? 5.784  -3.744 3.967   1.00 0.00 ? 1  ALA A C     4 
ATOM   550 O O     . ALA A 1 1  ? 4.859  -3.659 3.159   1.00 0.00 ? 1  ALA A O     4 
ATOM   551 C CB    . ALA A 1 1  ? 8.250  -3.766 4.504   1.00 0.00 ? 1  ALA A CB    4 
ATOM   552 H H     . ALA A 1 1  ? 7.568  -2.611 2.135   1.00 0.00 ? 1  ALA A H     4 
ATOM   553 H HA    . ALA A 1 1  ? 7.199  -5.246 3.394   1.00 0.00 ? 1  ALA A HA    4 
ATOM   554 H HB1   . ALA A 1 1  ? 8.024  -2.784 4.896   1.00 0.00 ? 1  ALA A HB1   4 
ATOM   555 H HB2   . ALA A 1 1  ? 9.211  -3.745 4.014   1.00 0.00 ? 1  ALA A HB2   4 
ATOM   556 H HB3   . ALA A 1 1  ? 8.274  -4.479 5.315   1.00 0.00 ? 1  ALA A HB3   4 
ATOM   557 N N     . ALA A 1 2  ? 5.629  -3.462 5.258   1.00 0.00 ? 2  ALA A N     4 
ATOM   558 C CA    . ALA A 1 2  ? 4.341  -3.033 5.787   1.00 0.00 ? 2  ALA A CA    4 
ATOM   559 C C     . ALA A 1 2  ? 3.831  -1.798 5.042   1.00 0.00 ? 2  ALA A C     4 
ATOM   560 O O     . ALA A 1 2  ? 2.632  -1.521 5.028   1.00 0.00 ? 2  ALA A O     4 
ATOM   561 C CB    . ALA A 1 2  ? 4.448  -2.746 7.277   1.00 0.00 ? 2  ALA A CB    4 
ATOM   562 H H     . ALA A 1 2  ? 6.394  -3.534 5.865   1.00 0.00 ? 2  ALA A H     4 
ATOM   563 H HA    . ALA A 1 2  ? 3.637  -3.840 5.648   1.00 0.00 ? 2  ALA A HA    4 
ATOM   564 H HB1   . ALA A 1 2  ? 5.324  -2.143 7.465   1.00 0.00 ? 2  ALA A HB1   4 
ATOM   565 H HB2   . ALA A 1 2  ? 4.530  -3.678 7.817   1.00 0.00 ? 2  ALA A HB2   4 
ATOM   566 H HB3   . ALA A 1 2  ? 3.568  -2.215 7.606   1.00 0.00 ? 2  ALA A HB3   4 
ATOM   567 N N     . ALA A 1 3  ? 4.752  -1.062 4.421   1.00 0.00 ? 3  ALA A N     4 
ATOM   568 C CA    . ALA A 1 3  ? 4.399  0.141  3.677   1.00 0.00 ? 3  ALA A CA    4 
ATOM   569 C C     . ALA A 1 3  ? 4.058  -0.181 2.225   1.00 0.00 ? 3  ALA A C     4 
ATOM   570 O O     . ALA A 1 3  ? 3.130  0.392  1.655   1.00 0.00 ? 3  ALA A O     4 
ATOM   571 C CB    . ALA A 1 3  ? 5.532  1.154  3.742   1.00 0.00 ? 3  ALA A CB    4 
ATOM   572 H H     . ALA A 1 3  ? 5.692  -1.332 4.469   1.00 0.00 ? 3  ALA A H     4 
ATOM   573 H HA    . ALA A 1 3  ? 3.532  0.578  4.147   1.00 0.00 ? 3  ALA A HA    4 
ATOM   574 H HB1   . ALA A 1 3  ? 5.192  2.101  3.350   1.00 0.00 ? 3  ALA A HB1   4 
ATOM   575 H HB2   . ALA A 1 3  ? 6.365  0.800  3.152   1.00 0.00 ? 3  ALA A HB2   4 
ATOM   576 H HB3   . ALA A 1 3  ? 5.845  1.279  4.767   1.00 0.00 ? 3  ALA A HB3   4 
HETATM 577 C "C1'" . UN1 A 1 4  ? 7.564  -4.318 1.105   1.00 0.00 ? 4  UN1 A "C1'" 4 
HETATM 578 O "O1'" . UN1 A 1 4  ? 7.428  -5.542 1.098   1.00 0.00 ? 4  UN1 A "O1'" 4 
HETATM 579 O O     . UN1 A 1 4  ? 2.531  -1.506 -1.008  1.00 0.00 ? 4  UN1 A O     4 
HETATM 580 C C1    . UN1 A 1 4  ? 7.842  -3.553 -0.171  1.00 0.00 ? 4  UN1 A C1    4 
HETATM 581 C C     . UN1 A 1 4  ? 3.118  -1.856 0.016   1.00 0.00 ? 4  UN1 A C     4 
HETATM 582 C CA    . UN1 A 1 4  ? 4.584  -1.497 0.241   1.00 0.00 ? 4  UN1 A CA    4 
HETATM 583 C C5    . UN1 A 1 4  ? 5.469  -2.688 -0.136  1.00 0.00 ? 4  UN1 A C5    4 
HETATM 584 C C6    . UN1 A 1 4  ? 6.940  -2.332 -0.322  1.00 0.00 ? 4  UN1 A C6    4 
HETATM 585 N N     . UN1 A 1 4  ? 4.813  -1.102 1.630   1.00 0.00 ? 4  UN1 A N     4 
HETATM 586 H H1C1  . UN1 A 1 4  ? 8.871  -3.225 -0.161  1.00 0.00 ? 4  UN1 A H1C1  4 
HETATM 587 H H1C2  . UN1 A 1 4  ? 7.681  -4.212 -1.012  1.00 0.00 ? 4  UN1 A H1C2  4 
HETATM 588 H HA    . UN1 A 1 4  ? 4.837  -0.657 -0.389  1.00 0.00 ? 4  UN1 A HA    4 
HETATM 589 H H5C1  . UN1 A 1 4  ? 5.105  -3.112 -1.060  1.00 0.00 ? 4  UN1 A H5C1  4 
HETATM 590 H H5C2  . UN1 A 1 4  ? 5.395  -3.433 0.641   1.00 0.00 ? 4  UN1 A H5C2  4 
HETATM 591 H H6C1  . UN1 A 1 4  ? 7.218  -1.597 0.420   1.00 0.00 ? 4  UN1 A H6C1  4 
HETATM 592 H H6C2  . UN1 A 1 4  ? 7.077  -1.917 -1.309  1.00 0.00 ? 4  UN1 A H6C2  4 
HETATM 593 H H     . UN1 A 1 4  ? 5.536  -1.524 2.136   1.00 0.00 ? 4  UN1 A H     4 
ATOM   594 N N     . ALA A 1 5  ? 2.534  -2.556 0.984   1.00 0.00 ? 5  ALA A N     4 
ATOM   595 C CA    . ALA A 1 5  ? 1.136  -2.962 0.897   1.00 0.00 ? 5  ALA A CA    4 
ATOM   596 C C     . ALA A 1 5  ? 0.211  -1.849 1.379   1.00 0.00 ? 5  ALA A C     4 
ATOM   597 O O     . ALA A 1 5  ? -0.823 -1.580 0.767   1.00 0.00 ? 5  ALA A O     4 
ATOM   598 C CB    . ALA A 1 5  ? 0.905  -4.231 1.705   1.00 0.00 ? 5  ALA A CB    4 
ATOM   599 H H     . ALA A 1 5  ? 3.055  -2.803 1.777   1.00 0.00 ? 5  ALA A H     4 
ATOM   600 H HA    . ALA A 1 5  ? 0.915  -3.177 -0.138  1.00 0.00 ? 5  ALA A HA    4 
ATOM   601 H HB1   . ALA A 1 5  ? 1.025  -5.091 1.065   1.00 0.00 ? 5  ALA A HB1   4 
ATOM   602 H HB2   . ALA A 1 5  ? -0.095 -4.221 2.112   1.00 0.00 ? 5  ALA A HB2   4 
ATOM   603 H HB3   . ALA A 1 5  ? 1.622  -4.278 2.511   1.00 0.00 ? 5  ALA A HB3   4 
ATOM   604 N N     . ARG A 1 6  ? 0.590  -1.204 2.478   1.00 0.00 ? 6  ARG A N     4 
ATOM   605 C CA    . ARG A 1 6  ? -0.203 -0.118 3.042   1.00 0.00 ? 6  ARG A CA    4 
ATOM   606 C C     . ARG A 1 6  ? -0.431 0.983  2.007   1.00 0.00 ? 6  ARG A C     4 
ATOM   607 O O     . ARG A 1 6  ? -1.545 1.483  1.853   1.00 0.00 ? 6  ARG A O     4 
ATOM   608 C CB    . ARG A 1 6  ? 0.492  0.454  4.282   1.00 0.00 ? 6  ARG A CB    4 
ATOM   609 C CG    . ARG A 1 6  ? -0.117 1.754  4.789   1.00 0.00 ? 6  ARG A CG    4 
ATOM   610 C CD    . ARG A 1 6  ? -1.594 1.594  5.117   1.00 0.00 ? 6  ARG A CD    4 
ATOM   611 N NE    . ARG A 1 6  ? -2.385 2.727  4.644   1.00 0.00 ? 6  ARG A NE    4 
ATOM   612 C CZ    . ARG A 1 6  ? -2.263 3.965  5.118   1.00 0.00 ? 6  ARG A CZ    4 
ATOM   613 N NH1   . ARG A 1 6  ? -1.385 4.232  6.078   1.00 0.00 ? 6  ARG A NH1   4 
ATOM   614 N NH2   . ARG A 1 6  ? -3.019 4.939  4.630   1.00 0.00 ? 6  ARG A NH2   4 
ATOM   615 H H     . ARG A 1 6  ? 1.426  -1.465 2.921   1.00 0.00 ? 6  ARG A H     4 
ATOM   616 H HA    . ARG A 1 6  ? -1.161 -0.526 3.332   1.00 0.00 ? 6  ARG A HA    4 
ATOM   617 H HB2   . ARG A 1 6  ? 0.438  -0.275 5.077   1.00 0.00 ? 6  ARG A HB2   4 
ATOM   618 H HB3   . ARG A 1 6  ? 1.529  0.638  4.044   1.00 0.00 ? 6  ARG A HB3   4 
ATOM   619 H HG2   . ARG A 1 6  ? 0.407  2.060  5.683   1.00 0.00 ? 6  ARG A HG2   4 
ATOM   620 H HG3   . ARG A 1 6  ? -0.007 2.512  4.028   1.00 0.00 ? 6  ARG A HG3   4 
ATOM   621 H HD2   . ARG A 1 6  ? -1.959 0.691  4.649   1.00 0.00 ? 6  ARG A HD2   4 
ATOM   622 H HD3   . ARG A 1 6  ? -1.705 1.511  6.189   1.00 0.00 ? 6  ARG A HD3   4 
ATOM   623 H HE    . ARG A 1 6  ? -3.040 2.557  3.936   1.00 0.00 ? 6  ARG A HE    4 
ATOM   624 H HH11  . ARG A 1 6  ? -0.811 3.503  6.450   1.00 0.00 ? 6  ARG A HH11  4 
ATOM   625 H HH12  . ARG A 1 6  ? -1.297 5.165  6.429   1.00 0.00 ? 6  ARG A HH12  4 
ATOM   626 H HH21  . ARG A 1 6  ? -3.682 4.743  3.907   1.00 0.00 ? 6  ARG A HH21  4 
ATOM   627 H HH22  . ARG A 1 6  ? -2.928 5.868  4.987   1.00 0.00 ? 6  ARG A HH22  4 
ATOM   628 N N     . ALA A 1 7  ? 0.632  1.353  1.303   1.00 0.00 ? 7  ALA A N     4 
ATOM   629 C CA    . ALA A 1 7  ? 0.549  2.394  0.285   1.00 0.00 ? 7  ALA A CA    4 
ATOM   630 C C     . ALA A 1 7  ? 0.007  1.841  -1.029  1.00 0.00 ? 7  ALA A C     4 
ATOM   631 O O     . ALA A 1 7  ? -0.586 2.572  -1.823  1.00 0.00 ? 7  ALA A O     4 
ATOM   632 C CB    . ALA A 1 7  ? 1.915  3.028  0.068   1.00 0.00 ? 7  ALA A CB    4 
ATOM   633 H H     . ALA A 1 7  ? 1.493  0.917  1.470   1.00 0.00 ? 7  ALA A H     4 
ATOM   634 H HA    . ALA A 1 7  ? -0.122 3.159  0.646   1.00 0.00 ? 7  ALA A HA    4 
ATOM   635 H HB1   . ALA A 1 7  ? 1.794  3.985  -0.416  1.00 0.00 ? 7  ALA A HB1   4 
ATOM   636 H HB2   . ALA A 1 7  ? 2.517  2.382  -0.554  1.00 0.00 ? 7  ALA A HB2   4 
ATOM   637 H HB3   . ALA A 1 7  ? 2.403  3.165  1.021   1.00 0.00 ? 7  ALA A HB3   4 
ATOM   638 N N     . ALA A 1 8  ? 0.216  0.548  -1.256  1.00 0.00 ? 8  ALA A N     4 
ATOM   639 C CA    . ALA A 1 8  ? -0.253 -0.098 -2.477  1.00 0.00 ? 8  ALA A CA    4 
ATOM   640 C C     . ALA A 1 8  ? -1.776 -0.103 -2.553  1.00 0.00 ? 8  ALA A C     4 
ATOM   641 O O     . ALA A 1 8  ? -2.361 0.418  -3.501  1.00 0.00 ? 8  ALA A O     4 
ATOM   642 C CB    . ALA A 1 8  ? 0.285  -1.517 -2.562  1.00 0.00 ? 8  ALA A CB    4 
ATOM   643 H H     . ALA A 1 8  ? 0.696  0.015  -0.588  1.00 0.00 ? 8  ALA A H     4 
ATOM   644 H HA    . ALA A 1 8  ? 0.137  0.459  -3.316  1.00 0.00 ? 8  ALA A HA    4 
ATOM   645 H HB1   . ALA A 1 8  ? -0.308 -2.086 -3.263  1.00 0.00 ? 8  ALA A HB1   4 
ATOM   646 H HB2   . ALA A 1 8  ? 0.233  -1.982 -1.588  1.00 0.00 ? 8  ALA A HB2   4 
ATOM   647 H HB3   . ALA A 1 8  ? 1.313  -1.495 -2.894  1.00 0.00 ? 8  ALA A HB3   4 
ATOM   648 N N     . ARG A 1 9  ? -2.413 -0.699 -1.550  1.00 0.00 ? 9  ARG A N     4 
ATOM   649 C CA    . ARG A 1 9  ? -3.869 -0.774 -1.510  1.00 0.00 ? 9  ARG A CA    4 
ATOM   650 C C     . ARG A 1 9  ? -4.483 0.592  -1.220  1.00 0.00 ? 9  ARG A C     4 
ATOM   651 O O     . ARG A 1 9  ? -5.584 0.896  -1.676  1.00 0.00 ? 9  ARG A O     4 
ATOM   652 C CB    . ARG A 1 9  ? -4.320 -1.784 -0.452  1.00 0.00 ? 9  ARG A CB    4 
ATOM   653 C CG    . ARG A 1 9  ? -3.831 -1.456 0.950   1.00 0.00 ? 9  ARG A CG    4 
ATOM   654 C CD    . ARG A 1 9  ? -4.988 -1.293 1.923   1.00 0.00 ? 9  ARG A CD    4 
ATOM   655 N NE    . ARG A 1 9  ? -5.394 0.104  2.063   1.00 0.00 ? 9  ARG A NE    4 
ATOM   656 C CZ    . ARG A 1 9  ? -6.569 0.488  2.557   1.00 0.00 ? 9  ARG A CZ    4 
ATOM   657 N NH1   . ARG A 1 9  ? -7.456 -0.414 2.959   1.00 0.00 ? 9  ARG A NH1   4 
ATOM   658 N NH2   . ARG A 1 9  ? -6.858 1.780  2.650   1.00 0.00 ? 9  ARG A NH2   4 
ATOM   659 H H     . ARG A 1 9  ? -1.892 -1.100 -0.823  1.00 0.00 ? 9  ARG A H     4 
ATOM   660 H HA    . ARG A 1 9  ? -4.209 -1.108 -2.478  1.00 0.00 ? 9  ARG A HA    4 
ATOM   661 H HB2   . ARG A 1 9  ? -5.400 -1.814 -0.438  1.00 0.00 ? 9  ARG A HB2   4 
ATOM   662 H HB3   . ARG A 1 9  ? -3.944 -2.760 -0.721  1.00 0.00 ? 9  ARG A HB3   4 
ATOM   663 H HG2   . ARG A 1 9  ? -3.195 -2.257 1.296   1.00 0.00 ? 9  ARG A HG2   4 
ATOM   664 H HG3   . ARG A 1 9  ? -3.267 -0.534 0.919   1.00 0.00 ? 9  ARG A HG3   4 
ATOM   665 H HD2   . ARG A 1 9  ? -5.828 -1.867 1.562   1.00 0.00 ? 9  ARG A HD2   4 
ATOM   666 H HD3   . ARG A 1 9  ? -4.685 -1.669 2.889   1.00 0.00 ? 9  ARG A HD3   4 
ATOM   667 H HE    . ARG A 1 9  ? -4.758 0.791  1.775   1.00 0.00 ? 9  ARG A HE    4 
ATOM   668 H HH11  . ARG A 1 9  ? -7.244 -1.389 2.892   1.00 0.00 ? 9  ARG A HH11  4 
ATOM   669 H HH12  . ARG A 1 9  ? -8.336 -0.118 3.328   1.00 0.00 ? 9  ARG A HH12  4 
ATOM   670 H HH21  . ARG A 1 9  ? -6.194 2.464  2.349   1.00 0.00 ? 9  ARG A HH21  4 
ATOM   671 H HH22  . ARG A 1 9  ? -7.740 2.069  3.021   1.00 0.00 ? 9  ARG A HH22  4 
ATOM   672 N N     . ALA A 1 10 ? -3.765 1.410  -0.458  1.00 0.00 ? 10 ALA A N     4 
ATOM   673 C CA    . ALA A 1 10 ? -4.244 2.742  -0.107  1.00 0.00 ? 10 ALA A CA    4 
ATOM   674 C C     . ALA A 1 10 ? -4.167 3.689  -1.300  1.00 0.00 ? 10 ALA A C     4 
ATOM   675 O O     . ALA A 1 10 ? -5.089 4.465  -1.551  1.00 0.00 ? 10 ALA A O     4 
ATOM   676 C CB    . ALA A 1 10 ? -3.448 3.298  1.063   1.00 0.00 ? 10 ALA A CB    4 
ATOM   677 H H     . ALA A 1 10 ? -2.894 1.112  -0.122  1.00 0.00 ? 10 ALA A H     4 
ATOM   678 H HA    . ALA A 1 10 ? -5.276 2.653  0.201   1.00 0.00 ? 10 ALA A HA    4 
ATOM   679 H HB1   . ALA A 1 10 ? -2.417 3.428  0.767   1.00 0.00 ? 10 ALA A HB1   4 
ATOM   680 H HB2   . ALA A 1 10 ? -3.499 2.609  1.893   1.00 0.00 ? 10 ALA A HB2   4 
ATOM   681 H HB3   . ALA A 1 10 ? -3.861 4.250  1.359   1.00 0.00 ? 10 ALA A HB3   4 
ATOM   682 N N     . ALA A 1 11 ? -3.058 3.624  -2.031  1.00 0.00 ? 11 ALA A N     4 
ATOM   683 C CA    . ALA A 1 11 ? -2.859 4.479  -3.195  1.00 0.00 ? 11 ALA A CA    4 
ATOM   684 C C     . ALA A 1 11 ? -3.518 3.890  -4.437  1.00 0.00 ? 11 ALA A C     4 
ATOM   685 O O     . ALA A 1 11 ? -4.351 4.536  -5.075  1.00 0.00 ? 11 ALA A O     4 
ATOM   686 C CB    . ALA A 1 11 ? -1.373 4.697  -3.439  1.00 0.00 ? 11 ALA A CB    4 
ATOM   687 H H     . ALA A 1 11 ? -2.358 2.987  -1.780  1.00 0.00 ? 11 ALA A H     4 
ATOM   688 H HA    . ALA A 1 11 ? -3.308 5.438  -2.983  1.00 0.00 ? 11 ALA A HA    4 
ATOM   689 H HB1   . ALA A 1 11 ? -0.885 4.925  -2.503  1.00 0.00 ? 11 ALA A HB1   4 
ATOM   690 H HB2   . ALA A 1 11 ? -1.239 5.520  -4.125  1.00 0.00 ? 11 ALA A HB2   4 
ATOM   691 H HB3   . ALA A 1 11 ? -0.943 3.802  -3.862  1.00 0.00 ? 11 ALA A HB3   4 
ATOM   692 N N     . ARG A 1 12 ? -3.140 2.663  -4.779  1.00 0.00 ? 12 ARG A N     4 
ATOM   693 C CA    . ARG A 1 12 ? -3.696 1.991  -5.949  1.00 0.00 ? 12 ARG A CA    4 
ATOM   694 C C     . ARG A 1 12 ? -5.195 1.770  -5.792  1.00 0.00 ? 12 ARG A C     4 
ATOM   695 O O     . ARG A 1 12 ? -5.981 2.116  -6.674  1.00 0.00 ? 12 ARG A O     4 
ATOM   696 C CB    . ARG A 1 12 ? -2.992 0.653  -6.181  1.00 0.00 ? 12 ARG A CB    4 
ATOM   697 C CG    . ARG A 1 12 ? -1.477 0.734  -6.071  1.00 0.00 ? 12 ARG A CG    4 
ATOM   698 C CD    . ARG A 1 12 ? -0.804 0.545  -7.421  1.00 0.00 ? 12 ARG A CD    4 
ATOM   699 N NE    . ARG A 1 12 ? 0.405  1.355  -7.550  1.00 0.00 ? 12 ARG A NE    4 
ATOM   700 C CZ    . ARG A 1 12 ? 1.512  1.152  -6.838  1.00 0.00 ? 12 ARG A CZ    4 
ATOM   701 N NH1   . ARG A 1 12 ? 1.569  0.166  -5.952  1.00 0.00 ? 12 ARG A NH1   4 
ATOM   702 N NH2   . ARG A 1 12 ? 2.567  1.936  -7.016  1.00 0.00 ? 12 ARG A NH2   4 
ATOM   703 H H     . ARG A 1 12 ? -2.472 2.198  -4.234  1.00 0.00 ? 12 ARG A H     4 
ATOM   704 H HA    . ARG A 1 12 ? -3.530 2.626  -6.803  1.00 0.00 ? 12 ARG A HA    4 
ATOM   705 H HB2   . ARG A 1 12 ? -3.346 -0.058 -5.450  1.00 0.00 ? 12 ARG A HB2   4 
ATOM   706 H HB3   . ARG A 1 12 ? -3.241 0.295  -7.169  1.00 0.00 ? 12 ARG A HB3   4 
ATOM   707 H HG2   . ARG A 1 12 ? -1.205 1.704  -5.679  1.00 0.00 ? 12 ARG A HG2   4 
ATOM   708 H HG3   . ARG A 1 12 ? -1.133 -0.036 -5.396  1.00 0.00 ? 12 ARG A HG3   4 
ATOM   709 H HD2   . ARG A 1 12 ? -0.542 -0.496 -7.535  1.00 0.00 ? 12 ARG A HD2   4 
ATOM   710 H HD3   . ARG A 1 12 ? -1.500 0.827  -8.198  1.00 0.00 ? 12 ARG A HD3   4 
ATOM   711 H HE    . ARG A 1 12 ? 0.392  2.089  -8.198  1.00 0.00 ? 12 ARG A HE    4 
ATOM   712 H HH11  . ARG A 1 12 ? 0.778  -0.429 -5.812  1.00 0.00 ? 12 ARG A HH11  4 
ATOM   713 H HH12  . ARG A 1 12 ? 2.404  0.019  -5.421  1.00 0.00 ? 12 ARG A HH12  4 
ATOM   714 H HH21  . ARG A 1 12 ? 2.529  2.681  -7.684  1.00 0.00 ? 12 ARG A HH21  4 
ATOM   715 H HH22  . ARG A 1 12 ? 3.399  1.784  -6.483  1.00 0.00 ? 12 ARG A HH22  4 
ATOM   716 N N     . ALA A 1 13 ? -5.582 1.192  -4.664  1.00 0.00 ? 13 ALA A N     4 
ATOM   717 C CA    . ALA A 1 13 ? -6.987 0.922  -4.385  1.00 0.00 ? 13 ALA A CA    4 
ATOM   718 C C     . ALA A 1 13 ? -7.642 2.098  -3.667  1.00 0.00 ? 13 ALA A C     4 
ATOM   719 O O     . ALA A 1 13 ? -8.834 2.354  -3.832  1.00 0.00 ? 13 ALA A O     4 
ATOM   720 C CB    . ALA A 1 13 ? -7.127 -0.350 -3.561  1.00 0.00 ? 13 ALA A CB    4 
ATOM   721 H H     . ALA A 1 13 ? -4.906 0.942  -4.002  1.00 0.00 ? 13 ALA A H     4 
ATOM   722 H HA    . ALA A 1 13 ? -7.489 0.766  -5.329  1.00 0.00 ? 13 ALA A HA    4 
ATOM   723 H HB1   . ALA A 1 13 ? -6.184 -0.876 -3.549  1.00 0.00 ? 13 ALA A HB1   4 
ATOM   724 H HB2   . ALA A 1 13 ? -7.887 -0.981 -3.998  1.00 0.00 ? 13 ALA A HB2   4 
ATOM   725 H HB3   . ALA A 1 13 ? -7.410 -0.095 -2.549  1.00 0.00 ? 13 ALA A HB3   4 
HETATM 726 N N     . NH2 A 1 14 ? -6.859 2.814  -2.868  1.00 0.00 ? 14 NH2 A N     4 
HETATM 727 H HN1   . NH2 A 1 14 ? -5.918 2.551  -2.785  1.00 0.00 ? 14 NH2 A HN1   4 
HETATM 728 H HN2   . NH2 A 1 14 ? -7.254 3.576  -2.394  1.00 0.00 ? 14 NH2 A HN2   4 
ATOM   729 N N     . ALA A 1 1  ? 7.083  -4.879 2.304   1.00 0.00 ? 1  ALA A N     5 
ATOM   730 C CA    . ALA A 1 1  ? 6.832  -5.037 3.731   1.00 0.00 ? 1  ALA A CA    5 
ATOM   731 C C     . ALA A 1 1  ? 5.562  -4.285 4.134   1.00 0.00 ? 1  ALA A C     5 
ATOM   732 O O     . ALA A 1 1  ? 4.672  -4.081 3.310   1.00 0.00 ? 1  ALA A O     5 
ATOM   733 C CB    . ALA A 1 1  ? 8.034  -4.549 4.529   1.00 0.00 ? 1  ALA A CB    5 
ATOM   734 H H     . ALA A 1 1  ? 7.277  -5.667 1.755   1.00 0.00 ? 1  ALA A H     5 
ATOM   735 H HA    . ALA A 1 1  ? 6.696  -6.091 3.932   1.00 0.00 ? 1  ALA A HA    5 
ATOM   736 H HB1   . ALA A 1 1  ? 8.941  -4.925 4.080   1.00 0.00 ? 1  ALA A HB1   5 
ATOM   737 H HB2   . ALA A 1 1  ? 7.960  -4.905 5.546   1.00 0.00 ? 1  ALA A HB2   5 
ATOM   738 H HB3   . ALA A 1 1  ? 8.052  -3.469 4.527   1.00 0.00 ? 1  ALA A HB3   5 
ATOM   739 N N     . ALA A 1 2  ? 5.481  -3.866 5.393   1.00 0.00 ? 2  ALA A N     5 
ATOM   740 C CA    . ALA A 1 2  ? 4.317  -3.131 5.870   1.00 0.00 ? 2  ALA A CA    5 
ATOM   741 C C     . ALA A 1 2  ? 4.127  -1.832 5.085   1.00 0.00 ? 2  ALA A C     5 
ATOM   742 O O     . ALA A 1 2  ? 3.035  -1.264 5.061   1.00 0.00 ? 2  ALA A O     5 
ATOM   743 C CB    . ALA A 1 2  ? 4.453  -2.837 7.356   1.00 0.00 ? 2  ALA A CB    5 
ATOM   744 H H     . ALA A 1 2  ? 6.220  -4.047 6.011   1.00 0.00 ? 2  ALA A H     5 
ATOM   745 H HA    . ALA A 1 2  ? 3.447  -3.755 5.728   1.00 0.00 ? 2  ALA A HA    5 
ATOM   746 H HB1   . ALA A 1 2  ? 4.400  -3.762 7.911   1.00 0.00 ? 2  ALA A HB1   5 
ATOM   747 H HB2   . ALA A 1 2  ? 3.651  -2.185 7.670   1.00 0.00 ? 2  ALA A HB2   5 
ATOM   748 H HB3   . ALA A 1 2  ? 5.403  -2.359 7.543   1.00 0.00 ? 2  ALA A HB3   5 
ATOM   749 N N     . ALA A 1 3  ? 5.201  -1.363 4.450   1.00 0.00 ? 3  ALA A N     5 
ATOM   750 C CA    . ALA A 1 3  ? 5.155  -0.128 3.671   1.00 0.00 ? 3  ALA A CA    5 
ATOM   751 C C     . ALA A 1 3  ? 4.439  -0.328 2.341   1.00 0.00 ? 3  ALA A C     5 
ATOM   752 O O     . ALA A 1 3  ? 3.346  0.199  2.127   1.00 0.00 ? 3  ALA A O     5 
ATOM   753 C CB    . ALA A 1 3  ? 6.563  0.396  3.439   1.00 0.00 ? 3  ALA A CB    5 
ATOM   754 H H     . ALA A 1 3  ? 6.045  -1.856 4.510   1.00 0.00 ? 3  ALA A H     5 
ATOM   755 H HA    . ALA A 1 3  ? 4.617  0.606  4.246   1.00 0.00 ? 3  ALA A HA    5 
ATOM   756 H HB1   . ALA A 1 3  ? 6.831  1.075  4.235   1.00 0.00 ? 3  ALA A HB1   5 
ATOM   757 H HB2   . ALA A 1 3  ? 6.602  0.918  2.494   1.00 0.00 ? 3  ALA A HB2   5 
ATOM   758 H HB3   . ALA A 1 3  ? 7.258  -0.430 3.422   1.00 0.00 ? 3  ALA A HB3   5 
HETATM 759 C "C1'" . UN1 A 1 4  ? 7.052  -3.688 1.726   1.00 0.00 ? 4  UN1 A "C1'" 5 
HETATM 760 O "O1'" . UN1 A 1 4  ? 6.818  -2.650 2.343   1.00 0.00 ? 4  UN1 A "O1'" 5 
HETATM 761 O O     . UN1 A 1 4  ? 2.234  -1.449 -0.678  1.00 0.00 ? 4  UN1 A O     5 
HETATM 762 C C1    . UN1 A 1 4  ? 7.321  -3.667 0.241   1.00 0.00 ? 4  UN1 A C1    5 
HETATM 763 C C     . UN1 A 1 4  ? 3.021  -1.726 0.229   1.00 0.00 ? 4  UN1 A C     5 
HETATM 764 C CA    . UN1 A 1 4  ? 4.498  -1.354 0.125   1.00 0.00 ? 4  UN1 A CA    5 
HETATM 765 C C5    . UN1 A 1 4  ? 5.260  -2.485 -0.581  1.00 0.00 ? 4  UN1 A C5    5 
HETATM 766 C C6    . UN1 A 1 4  ? 6.775  -2.415 -0.430  1.00 0.00 ? 4  UN1 A C6    5 
HETATM 767 N N     . UN1 A 1 4  ? 5.067  -1.085 1.447   1.00 0.00 ? 4  UN1 A N     5 
HETATM 768 H H1C1  . UN1 A 1 4  ? 8.385  -3.721 0.084   1.00 0.00 ? 4  UN1 A H1C1  5 
HETATM 769 H H1C2  . UN1 A 1 4  ? 6.850  -4.531 -0.204  1.00 0.00 ? 4  UN1 A H1C2  5 
HETATM 770 H HA    . UN1 A 1 4  ? 4.588  -0.453 -0.463  1.00 0.00 ? 4  UN1 A HA    5 
HETATM 771 H H5C1  . UN1 A 1 4  ? 5.025  -2.453 -1.634  1.00 0.00 ? 4  UN1 A H5C1  5 
HETATM 772 H H5C2  . UN1 A 1 4  ? 4.924  -3.430 -0.178  1.00 0.00 ? 4  UN1 A H5C2  5 
HETATM 773 H H6C1  . UN1 A 1 4  ? 7.031  -1.554 0.167   1.00 0.00 ? 4  UN1 A H6C1  5 
HETATM 774 H H6C2  . UN1 A 1 4  ? 7.220  -2.322 -1.410  1.00 0.00 ? 4  UN1 A H6C2  5 
HETATM 775 H H     . UN1 A 1 4  ? 5.933  -1.467 1.682   1.00 0.00 ? 4  UN1 A H     5 
ATOM   776 N N     . ALA A 1 5  ? 2.653  -2.354 1.341   1.00 0.00 ? 5  ALA A N     5 
ATOM   777 C CA    . ALA A 1 5  ? 1.272  -2.765 1.568   1.00 0.00 ? 5  ALA A CA    5 
ATOM   778 C C     . ALA A 1 5  ? 0.355  -1.555 1.709   1.00 0.00 ? 5  ALA A C     5 
ATOM   779 O O     . ALA A 1 5  ? -0.522 -1.327 0.876   1.00 0.00 ? 5  ALA A O     5 
ATOM   780 C CB    . ALA A 1 5  ? 1.181  -3.645 2.804   1.00 0.00 ? 5  ALA A CB    5 
ATOM   781 H H     . ALA A 1 5  ? 3.326  -2.547 2.026   1.00 0.00 ? 5  ALA A H     5 
ATOM   782 H HA    . ALA A 1 5  ? 0.954  -3.347 0.715   1.00 0.00 ? 5  ALA A HA    5 
ATOM   783 H HB1   . ALA A 1 5  ? 0.217  -3.508 3.272   1.00 0.00 ? 5  ALA A HB1   5 
ATOM   784 H HB2   . ALA A 1 5  ? 1.961  -3.372 3.499   1.00 0.00 ? 5  ALA A HB2   5 
ATOM   785 H HB3   . ALA A 1 5  ? 1.300  -4.680 2.518   1.00 0.00 ? 5  ALA A HB3   5 
ATOM   786 N N     . ARG A 1 6  ? 0.560  -0.783 2.772   1.00 0.00 ? 6  ARG A N     5 
ATOM   787 C CA    . ARG A 1 6  ? -0.251 0.403  3.022   1.00 0.00 ? 6  ARG A CA    5 
ATOM   788 C C     . ARG A 1 6  ? -0.148 1.389  1.862   1.00 0.00 ? 6  ARG A C     5 
ATOM   789 O O     . ARG A 1 6  ? -1.115 2.073  1.528   1.00 0.00 ? 6  ARG A O     5 
ATOM   790 C CB    . ARG A 1 6  ? 0.182  1.078  4.324   1.00 0.00 ? 6  ARG A CB    5 
ATOM   791 C CG    . ARG A 1 6  ? -0.231 0.314  5.573   1.00 0.00 ? 6  ARG A CG    5 
ATOM   792 C CD    . ARG A 1 6  ? 0.972  -0.077 6.418   1.00 0.00 ? 6  ARG A CD    5 
ATOM   793 N NE    . ARG A 1 6  ? 0.749  0.184  7.839   1.00 0.00 ? 6  ARG A NE    5 
ATOM   794 C CZ    . ARG A 1 6  ? 0.064  -0.625 8.644   1.00 0.00 ? 6  ARG A CZ    5 
ATOM   795 N NH1   . ARG A 1 6  ? -0.465 -1.748 8.175   1.00 0.00 ? 6  ARG A NH1   5 
ATOM   796 N NH2   . ARG A 1 6  ? -0.092 -0.310 9.922   1.00 0.00 ? 6  ARG A NH2   5 
ATOM   797 H H     . ARG A 1 6  ? 1.273  -1.016 3.404   1.00 0.00 ? 6  ARG A H     5 
ATOM   798 H HA    . ARG A 1 6  ? -1.280 0.085  3.117   1.00 0.00 ? 6  ARG A HA    5 
ATOM   799 H HB2   . ARG A 1 6  ? 1.257  1.178  4.324   1.00 0.00 ? 6  ARG A HB2   5 
ATOM   800 H HB3   . ARG A 1 6  ? -0.262 2.064  4.369   1.00 0.00 ? 6  ARG A HB3   5 
ATOM   801 H HG2   . ARG A 1 6  ? -0.886 0.936  6.164   1.00 0.00 ? 6  ARG A HG2   5 
ATOM   802 H HG3   . ARG A 1 6  ? -0.756 -0.583 5.275   1.00 0.00 ? 6  ARG A HG3   5 
ATOM   803 H HD2   . ARG A 1 6  ? 1.166  -1.130 6.281   1.00 0.00 ? 6  ARG A HD2   5 
ATOM   804 H HD3   . ARG A 1 6  ? 1.829  0.492  6.089   1.00 0.00 ? 6  ARG A HD3   5 
ATOM   805 H HE    . ARG A 1 6  ? 1.129  1.006  8.213   1.00 0.00 ? 6  ARG A HE    5 
ATOM   806 H HH11  . ARG A 1 6  ? -0.353 -1.992 7.212   1.00 0.00 ? 6  ARG A HH11  5 
ATOM   807 H HH12  . ARG A 1 6  ? -0.978 -2.351 8.785   1.00 0.00 ? 6  ARG A HH12  5 
ATOM   808 H HH21  . ARG A 1 6  ? 0.305  0.534  10.281  1.00 0.00 ? 6  ARG A HH21  5 
ATOM   809 H HH22  . ARG A 1 6  ? -0.607 -0.917 10.528  1.00 0.00 ? 6  ARG A HH22  5 
ATOM   810 N N     . ALA A 1 7  ? 1.030  1.456  1.252   1.00 0.00 ? 7  ALA A N     5 
ATOM   811 C CA    . ALA A 1 7  ? 1.259  2.357  0.129   1.00 0.00 ? 7  ALA A CA    5 
ATOM   812 C C     . ALA A 1 7  ? 0.536  1.872  -1.122  1.00 0.00 ? 7  ALA A C     5 
ATOM   813 O O     . ALA A 1 7  ? -0.027 2.669  -1.874  1.00 0.00 ? 7  ALA A O     5 
ATOM   814 C CB    . ALA A 1 7  ? 2.750  2.493  -0.143  1.00 0.00 ? 7  ALA A CB    5 
ATOM   815 H H     . ALA A 1 7  ? 1.763  0.885  1.564   1.00 0.00 ? 7  ALA A H     5 
ATOM   816 H HA    . ALA A 1 7  ? 0.878  3.330  0.401   1.00 0.00 ? 7  ALA A HA    5 
ATOM   817 H HB1   . ALA A 1 7  ? 3.287  2.510  0.794   1.00 0.00 ? 7  ALA A HB1   5 
ATOM   818 H HB2   . ALA A 1 7  ? 2.936  3.410  -0.682  1.00 0.00 ? 7  ALA A HB2   5 
ATOM   819 H HB3   . ALA A 1 7  ? 3.085  1.654  -0.735  1.00 0.00 ? 7  ALA A HB3   5 
ATOM   820 N N     . ALA A 1 8  ? 0.557  0.561  -1.342  1.00 0.00 ? 8  ALA A N     5 
ATOM   821 C CA    . ALA A 1 8  ? -0.095 -0.030 -2.504  1.00 0.00 ? 8  ALA A CA    5 
ATOM   822 C C     . ALA A 1 8  ? -1.611 -0.051 -2.339  1.00 0.00 ? 8  ALA A C     5 
ATOM   823 O O     . ALA A 1 8  ? -2.353 0.171  -3.296  1.00 0.00 ? 8  ALA A O     5 
ATOM   824 C CB    . ALA A 1 8  ? 0.431  -1.438 -2.743  1.00 0.00 ? 8  ALA A CB    5 
ATOM   825 H H     . ALA A 1 8  ? 1.023  -0.022 -0.708  1.00 0.00 ? 8  ALA A H     5 
ATOM   826 H HA    . ALA A 1 8  ? 0.154  0.572  -3.367  1.00 0.00 ? 8  ALA A HA    5 
ATOM   827 H HB1   . ALA A 1 8  ? -0.015 -1.842 -3.639  1.00 0.00 ? 8  ALA A HB1   5 
ATOM   828 H HB2   . ALA A 1 8  ? 0.177  -2.063 -1.899  1.00 0.00 ? 8  ALA A HB2   5 
ATOM   829 H HB3   . ALA A 1 8  ? 1.505  -1.406 -2.858  1.00 0.00 ? 8  ALA A HB3   5 
ATOM   830 N N     . ARG A 1 9  ? -2.064 -0.322 -1.119  1.00 0.00 ? 9  ARG A N     5 
ATOM   831 C CA    . ARG A 1 9  ? -3.494 -0.375 -0.827  1.00 0.00 ? 9  ARG A CA    5 
ATOM   832 C C     . ARG A 1 9  ? -4.175 0.935  -1.198  1.00 0.00 ? 9  ARG A C     5 
ATOM   833 O O     . ARG A 1 9  ? -5.014 0.982  -2.098  1.00 0.00 ? 9  ARG A O     5 
ATOM   834 C CB    . ARG A 1 9  ? -3.720 -0.680 0.655   1.00 0.00 ? 9  ARG A CB    5 
ATOM   835 C CG    . ARG A 1 9  ? -5.100 -1.245 0.958   1.00 0.00 ? 9  ARG A CG    5 
ATOM   836 C CD    . ARG A 1 9  ? -5.980 -0.232 1.673   1.00 0.00 ? 9  ARG A CD    5 
ATOM   837 N NE    . ARG A 1 9  ? -6.426 -0.717 2.977   1.00 0.00 ? 9  ARG A NE    5 
ATOM   838 C CZ    . ARG A 1 9  ? -5.667 -0.709 4.070   1.00 0.00 ? 9  ARG A CZ    5 
ATOM   839 N NH1   . ARG A 1 9  ? -4.425 -0.242 4.023   1.00 0.00 ? 9  ARG A NH1   5 
ATOM   840 N NH2   . ARG A 1 9  ? -6.150 -1.171 5.216   1.00 0.00 ? 9  ARG A NH2   5 
ATOM   841 H H     . ARG A 1 9  ? -1.423 -0.493 -0.398  1.00 0.00 ? 9  ARG A H     5 
ATOM   842 H HA    . ARG A 1 9  ? -3.922 -1.166 -1.417  1.00 0.00 ? 9  ARG A HA    5 
ATOM   843 H HB2   . ARG A 1 9  ? -2.982 -1.399 0.979   1.00 0.00 ? 9  ARG A HB2   5 
ATOM   844 H HB3   . ARG A 1 9  ? -3.594 0.231  1.221   1.00 0.00 ? 9  ARG A HB3   5 
ATOM   845 H HG2   . ARG A 1 9  ? -5.574 -1.526 0.030   1.00 0.00 ? 9  ARG A HG2   5 
ATOM   846 H HG3   . ARG A 1 9  ? -4.989 -2.118 1.585   1.00 0.00 ? 9  ARG A HG3   5 
ATOM   847 H HD2   . ARG A 1 9  ? -5.420 0.682  1.812   1.00 0.00 ? 9  ARG A HD2   5 
ATOM   848 H HD3   . ARG A 1 9  ? -6.846 -0.030 1.060   1.00 0.00 ? 9  ARG A HD3   5 
ATOM   849 H HE    . ARG A 1 9  ? -7.339 -1.068 3.041   1.00 0.00 ? 9  ARG A HE    5 
ATOM   850 H HH11  . ARG A 1 9  ? -4.055 0.107  3.162   1.00 0.00 ? 9  ARG A HH11  5 
ATOM   851 H HH12  . ARG A 1 9  ? -3.860 -0.238 4.847   1.00 0.00 ? 9  ARG A HH12  5 
ATOM   852 H HH21  . ARG A 1 9  ? -7.084 -1.525 5.258   1.00 0.00 ? 9  ARG A HH21  5 
ATOM   853 H HH22  . ARG A 1 9  ? -5.580 -1.166 6.038   1.00 0.00 ? 9  ARG A HH22  5 
ATOM   854 N N     . ALA A 1 10 ? -3.806 1.999  -0.498  1.00 0.00 ? 10 ALA A N     5 
ATOM   855 C CA    . ALA A 1 10 ? -4.375 3.317  -0.745  1.00 0.00 ? 10 ALA A CA    5 
ATOM   856 C C     . ALA A 1 10 ? -4.019 3.821  -2.142  1.00 0.00 ? 10 ALA A C     5 
ATOM   857 O O     . ALA A 1 10 ? -4.713 4.673  -2.699  1.00 0.00 ? 10 ALA A O     5 
ATOM   858 C CB    . ALA A 1 10 ? -3.895 4.304  0.309   1.00 0.00 ? 10 ALA A CB    5 
ATOM   859 H H     . ALA A 1 10 ? -3.132 1.892  0.204   1.00 0.00 ? 10 ALA A H     5 
ATOM   860 H HA    . ALA A 1 10 ? -5.449 3.236  -0.666  1.00 0.00 ? 10 ALA A HA    5 
ATOM   861 H HB1   . ALA A 1 10 ? -3.813 5.287  -0.130  1.00 0.00 ? 10 ALA A HB1   5 
ATOM   862 H HB2   . ALA A 1 10 ? -2.929 3.993  0.680   1.00 0.00 ? 10 ALA A HB2   5 
ATOM   863 H HB3   . ALA A 1 10 ? -4.602 4.331  1.125   1.00 0.00 ? 10 ALA A HB3   5 
ATOM   864 N N     . ALA A 1 11 ? -2.936 3.292  -2.704  1.00 0.00 ? 11 ALA A N     5 
ATOM   865 C CA    . ALA A 1 11 ? -2.491 3.691  -4.032  1.00 0.00 ? 11 ALA A CA    5 
ATOM   866 C C     . ALA A 1 11 ? -3.574 3.448  -5.079  1.00 0.00 ? 11 ALA A C     5 
ATOM   867 O O     . ALA A 1 11 ? -4.098 4.390  -5.673  1.00 0.00 ? 11 ALA A O     5 
ATOM   868 C CB    . ALA A 1 11 ? -1.219 2.945  -4.407  1.00 0.00 ? 11 ALA A CB    5 
ATOM   869 H H     . ALA A 1 11 ? -2.422 2.619  -2.211  1.00 0.00 ? 11 ALA A H     5 
ATOM   870 H HA    . ALA A 1 11 ? -2.263 4.747  -4.004  1.00 0.00 ? 11 ALA A HA    5 
ATOM   871 H HB1   . ALA A 1 11 ? -1.196 2.789  -5.475  1.00 0.00 ? 11 ALA A HB1   5 
ATOM   872 H HB2   . ALA A 1 11 ? -1.202 1.991  -3.902  1.00 0.00 ? 11 ALA A HB2   5 
ATOM   873 H HB3   . ALA A 1 11 ? -0.359 3.527  -4.109  1.00 0.00 ? 11 ALA A HB3   5 
ATOM   874 N N     . ARG A 1 12 ? -3.903 2.179  -5.302  1.00 0.00 ? 12 ARG A N     5 
ATOM   875 C CA    . ARG A 1 12 ? -4.921 1.815  -6.280  1.00 0.00 ? 12 ARG A CA    5 
ATOM   876 C C     . ARG A 1 12 ? -6.315 1.866  -5.664  1.00 0.00 ? 12 ARG A C     5 
ATOM   877 O O     . ARG A 1 12 ? -7.253 2.390  -6.265  1.00 0.00 ? 12 ARG A O     5 
ATOM   878 C CB    . ARG A 1 12 ? -4.647 0.416  -6.840  1.00 0.00 ? 12 ARG A CB    5 
ATOM   879 C CG    . ARG A 1 12 ? -3.880 0.425  -8.152  1.00 0.00 ? 12 ARG A CG    5 
ATOM   880 C CD    . ARG A 1 12 ? -4.821 0.410  -9.347  1.00 0.00 ? 12 ARG A CD    5 
ATOM   881 N NE    . ARG A 1 12 ? -4.894 -0.908 -9.972  1.00 0.00 ? 12 ARG A NE    5 
ATOM   882 C CZ    . ARG A 1 12 ? -3.969 -1.389 -10.799 1.00 0.00 ? 12 ARG A CZ    5 
ATOM   883 N NH1   . ARG A 1 12 ? -2.896 -0.668 -11.097 1.00 0.00 ? 12 ARG A NH1   5 
ATOM   884 N NH2   . ARG A 1 12 ? -4.117 -2.595 -11.329 1.00 0.00 ? 12 ARG A NH2   5 
ATOM   885 H H     . ARG A 1 12 ? -3.448 1.472  -4.800  1.00 0.00 ? 12 ARG A H     5 
ATOM   886 H HA    . ARG A 1 12 ? -4.874 2.530  -7.086  1.00 0.00 ? 12 ARG A HA    5 
ATOM   887 H HB2   . ARG A 1 12 ? -4.072 -0.141 -6.116  1.00 0.00 ? 12 ARG A HB2   5 
ATOM   888 H HB3   . ARG A 1 12 ? -5.589 -0.085 -7.002  1.00 0.00 ? 12 ARG A HB3   5 
ATOM   889 H HG2   . ARG A 1 12 ? -3.272 1.316  -8.197  1.00 0.00 ? 12 ARG A HG2   5 
ATOM   890 H HG3   . ARG A 1 12 ? -3.247 -0.450 -8.194  1.00 0.00 ? 12 ARG A HG3   5 
ATOM   891 H HD2   . ARG A 1 12 ? -5.809 0.695  -9.016  1.00 0.00 ? 12 ARG A HD2   5 
ATOM   892 H HD3   . ARG A 1 12 ? -4.467 1.124  -10.076 1.00 0.00 ? 12 ARG A HD3   5 
ATOM   893 H HE    . ARG A 1 12 ? -5.675 -1.464 -9.766  1.00 0.00 ? 12 ARG A HE    5 
ATOM   894 H HH11  . ARG A 1 12 ? -2.777 0.242  -10.699 1.00 0.00 ? 12 ARG A HH11  5 
ATOM   895 H HH12  . ARG A 1 12 ? -2.205 -1.034 -11.720 1.00 0.00 ? 12 ARG A HH12  5 
ATOM   896 H HH21  . ARG A 1 12 ? -4.924 -3.143 -11.108 1.00 0.00 ? 12 ARG A HH21  5 
ATOM   897 H HH22  . ARG A 1 12 ? -3.423 -2.957 -11.952 1.00 0.00 ? 12 ARG A HH22  5 
ATOM   898 N N     . ALA A 1 13 ? -6.440 1.317  -4.464  1.00 0.00 ? 13 ALA A N     5 
ATOM   899 C CA    . ALA A 1 13 ? -7.718 1.296  -3.762  1.00 0.00 ? 13 ALA A CA    5 
ATOM   900 C C     . ALA A 1 13 ? -8.131 2.699  -3.328  1.00 0.00 ? 13 ALA A C     5 
ATOM   901 O O     . ALA A 1 13 ? -9.319 3.012  -3.258  1.00 0.00 ? 13 ALA A O     5 
ATOM   902 C CB    . ALA A 1 13 ? -7.642 0.369  -2.558  1.00 0.00 ? 13 ALA A CB    5 
ATOM   903 H H     . ALA A 1 13 ? -5.654 0.916  -4.040  1.00 0.00 ? 13 ALA A H     5 
ATOM   904 H HA    . ALA A 1 13 ? -8.463 0.906  -4.439  1.00 0.00 ? 13 ALA A HA    5 
ATOM   905 H HB1   . ALA A 1 13 ? -8.591 -0.129 -2.426  1.00 0.00 ? 13 ALA A HB1   5 
ATOM   906 H HB2   . ALA A 1 13 ? -7.411 0.944  -1.673  1.00 0.00 ? 13 ALA A HB2   5 
ATOM   907 H HB3   . ALA A 1 13 ? -6.869 -0.368 -2.720  1.00 0.00 ? 13 ALA A HB3   5 
HETATM 908 N N     . NH2 A 1 14 ? -7.148 3.542  -3.038  1.00 0.00 ? 14 NH2 A N     5 
HETATM 909 H HN1   . NH2 A 1 14 ? -6.225 3.223  -3.115  1.00 0.00 ? 14 NH2 A HN1   5 
HETATM 910 H HN2   . NH2 A 1 14 ? -7.386 4.451  -2.758  1.00 0.00 ? 14 NH2 A HN2   5 
# 
loop_
_pdbx_poly_seq_scheme.asym_id 
_pdbx_poly_seq_scheme.entity_id 
_pdbx_poly_seq_scheme.seq_id 
_pdbx_poly_seq_scheme.mon_id 
_pdbx_poly_seq_scheme.ndb_seq_num 
_pdbx_poly_seq_scheme.pdb_seq_num 
_pdbx_poly_seq_scheme.auth_seq_num 
_pdbx_poly_seq_scheme.pdb_mon_id 
_pdbx_poly_seq_scheme.auth_mon_id 
_pdbx_poly_seq_scheme.pdb_strand_id 
_pdbx_poly_seq_scheme.pdb_ins_code 
_pdbx_poly_seq_scheme.hetero 
A 1 1  ALA 1  1  1  ALA ALA A . n 
A 1 2  ALA 2  2  2  ALA ALA A . n 
A 1 3  ALA 3  3  3  ALA ALA A . n 
A 1 4  UN1 4  4  4  UN1 GLU A . n 
A 1 5  ALA 5  5  5  ALA ALA A . n 
A 1 6  ARG 6  6  6  ARG ARG A . n 
A 1 7  ALA 7  7  7  ALA ALA A . n 
A 1 8  ALA 8  8  8  ALA ALA A . n 
A 1 9  ARG 9  9  9  ARG ARG A . n 
A 1 10 ALA 10 10 10 ALA ALA A . n 
A 1 11 ALA 11 11 11 ALA ALA A . n 
A 1 12 ARG 12 12 12 ARG ARG A . n 
A 1 13 ALA 13 13 13 ALA ALA A . n 
A 1 14 NH2 14 14 13 NH2 ALA A . n 
# 
_pdbx_struct_assembly.id                   1 
_pdbx_struct_assembly.details              author_defined_assembly 
_pdbx_struct_assembly.method_details       ? 
_pdbx_struct_assembly.oligomeric_details   monomeric 
_pdbx_struct_assembly.oligomeric_count     1 
# 
_pdbx_struct_assembly_gen.assembly_id       1 
_pdbx_struct_assembly_gen.oper_expression   1 
_pdbx_struct_assembly_gen.asym_id_list      A 
# 
loop_
_pdbx_struct_assembly_prop.biol_id 
_pdbx_struct_assembly_prop.type 
_pdbx_struct_assembly_prop.value 
_pdbx_struct_assembly_prop.details 
1 'ABSA (A^2)' 370  ? 
1 MORE         4    ? 
1 'SSA (A^2)'  1280 ? 
# 
_pdbx_struct_oper_list.id                   1 
_pdbx_struct_oper_list.type                 'identity operation' 
_pdbx_struct_oper_list.name                 1_555 
_pdbx_struct_oper_list.symmetry_operation   ? 
_pdbx_struct_oper_list.matrix[1][1]         1.0000000000 
_pdbx_struct_oper_list.matrix[1][2]         0.0000000000 
_pdbx_struct_oper_list.matrix[1][3]         0.0000000000 
_pdbx_struct_oper_list.vector[1]            0.0000000000 
_pdbx_struct_oper_list.matrix[2][1]         0.0000000000 
_pdbx_struct_oper_list.matrix[2][2]         1.0000000000 
_pdbx_struct_oper_list.matrix[2][3]         0.0000000000 
_pdbx_struct_oper_list.vector[2]            0.0000000000 
_pdbx_struct_oper_list.matrix[3][1]         0.0000000000 
_pdbx_struct_oper_list.matrix[3][2]         0.0000000000 
_pdbx_struct_oper_list.matrix[3][3]         1.0000000000 
_pdbx_struct_oper_list.vector[3]            0.0000000000 
# 
loop_
_pdbx_audit_revision_history.ordinal 
_pdbx_audit_revision_history.data_content_type 
_pdbx_audit_revision_history.major_revision 
_pdbx_audit_revision_history.minor_revision 
_pdbx_audit_revision_history.revision_date 
1 'Structure model' 1 0 2016-12-14 
2 'Structure model' 2 0 2023-11-15 
# 
_pdbx_audit_revision_details.ordinal             1 
_pdbx_audit_revision_details.revision_ordinal    1 
_pdbx_audit_revision_details.data_content_type   'Structure model' 
_pdbx_audit_revision_details.provider            repository 
_pdbx_audit_revision_details.type                'Initial release' 
_pdbx_audit_revision_details.description         ? 
_pdbx_audit_revision_details.details             ? 
# 
loop_
_pdbx_audit_revision_group.ordinal 
_pdbx_audit_revision_group.revision_ordinal 
_pdbx_audit_revision_group.data_content_type 
_pdbx_audit_revision_group.group 
1 2 'Structure model' 'Atomic model'         
2 2 'Structure model' 'Data collection'      
3 2 'Structure model' 'Database references'  
4 2 'Structure model' 'Derived calculations' 
5 2 'Structure model' 'Structure summary'    
# 
loop_
_pdbx_audit_revision_category.ordinal 
_pdbx_audit_revision_category.revision_ordinal 
_pdbx_audit_revision_category.data_content_type 
_pdbx_audit_revision_category.category 
1 2 'Structure model' atom_site             
2 2 'Structure model' chem_comp_atom        
3 2 'Structure model' chem_comp_bond        
4 2 'Structure model' database_2            
5 2 'Structure model' entity                
6 2 'Structure model' pdbx_nmr_software     
7 2 'Structure model' pdbx_nmr_spectrometer 
8 2 'Structure model' struct_conn           
# 
loop_
_pdbx_audit_revision_item.ordinal 
_pdbx_audit_revision_item.revision_ordinal 
_pdbx_audit_revision_item.data_content_type 
_pdbx_audit_revision_item.item 
1  2 'Structure model' '_atom_site.auth_atom_id'             
2  2 'Structure model' '_atom_site.label_atom_id'            
3  2 'Structure model' '_database_2.pdbx_DOI'                
4  2 'Structure model' '_database_2.pdbx_database_accession' 
5  2 'Structure model' '_entity.pdbx_number_of_molecules'    
6  2 'Structure model' '_pdbx_nmr_software.name'             
7  2 'Structure model' '_pdbx_nmr_spectrometer.model'        
8  2 'Structure model' '_struct_conn.pdbx_dist_value'        
9  2 'Structure model' '_struct_conn.pdbx_leaving_atom_flag' 
10 2 'Structure model' '_struct_conn.ptnr1_label_atom_id'    
11 2 'Structure model' '_struct_conn.ptnr2_label_atom_id'    
# 
_pdbx_nmr_exptl_sample.solution_id           1 
_pdbx_nmr_exptl_sample.component             peptide 
_pdbx_nmr_exptl_sample.concentration         1 
_pdbx_nmr_exptl_sample.concentration_range   ? 
_pdbx_nmr_exptl_sample.concentration_units   mM 
_pdbx_nmr_exptl_sample.isotopic_labeling     none 
# 
_pdbx_validate_torsion.id              1 
_pdbx_validate_torsion.PDB_model_num   1 
_pdbx_validate_torsion.auth_comp_id    ALA 
_pdbx_validate_torsion.auth_asym_id    A 
_pdbx_validate_torsion.auth_seq_id     2 
_pdbx_validate_torsion.PDB_ins_code    ? 
_pdbx_validate_torsion.label_alt_id    ? 
_pdbx_validate_torsion.phi             -55.23 
_pdbx_validate_torsion.psi             -92.47 
# 
loop_
_chem_comp_atom.comp_id 
_chem_comp_atom.atom_id 
_chem_comp_atom.type_symbol 
_chem_comp_atom.pdbx_aromatic_flag 
_chem_comp_atom.pdbx_stereo_config 
_chem_comp_atom.pdbx_ordinal 
ALA N     N N N 1  
ALA CA    C N S 2  
ALA C     C N N 3  
ALA O     O N N 4  
ALA CB    C N N 5  
ALA OXT   O N N 6  
ALA H     H N N 7  
ALA H2    H N N 8  
ALA HA    H N N 9  
ALA HB1   H N N 10 
ALA HB2   H N N 11 
ALA HB3   H N N 12 
ALA HXT   H N N 13 
ARG N     N N N 14 
ARG CA    C N S 15 
ARG C     C N N 16 
ARG O     O N N 17 
ARG CB    C N N 18 
ARG CG    C N N 19 
ARG CD    C N N 20 
ARG NE    N N N 21 
ARG CZ    C N N 22 
ARG NH1   N N N 23 
ARG NH2   N N N 24 
ARG OXT   O N N 25 
ARG H     H N N 26 
ARG H2    H N N 27 
ARG HA    H N N 28 
ARG HB2   H N N 29 
ARG HB3   H N N 30 
ARG HG2   H N N 31 
ARG HG3   H N N 32 
ARG HD2   H N N 33 
ARG HD3   H N N 34 
ARG HE    H N N 35 
ARG HH11  H N N 36 
ARG HH12  H N N 37 
ARG HH21  H N N 38 
ARG HH22  H N N 39 
ARG HXT   H N N 40 
NH2 N     N N N 41 
NH2 HN1   H N N 42 
NH2 HN2   H N N 43 
UN1 "C1'" C N N 44 
UN1 "O1'" O N N 45 
UN1 "O2'" O N N 46 
UN1 O     O N N 47 
UN1 C1    C N N 48 
UN1 C     C N N 49 
UN1 CA    C N S 50 
UN1 C5    C N N 51 
UN1 C6    C N N 52 
UN1 N     N N N 53 
UN1 OXT   O N N 54 
UN1 "H2'" H N N 55 
UN1 H1C1  H N N 56 
UN1 H1C2  H N N 57 
UN1 HA    H N N 58 
UN1 H5C1  H N N 59 
UN1 H5C2  H N N 60 
UN1 H6C1  H N N 61 
UN1 H6C2  H N N 62 
UN1 H     H N N 63 
UN1 H2    H N N 64 
UN1 HXT   H N N 65 
# 
loop_
_chem_comp_bond.comp_id 
_chem_comp_bond.atom_id_1 
_chem_comp_bond.atom_id_2 
_chem_comp_bond.value_order 
_chem_comp_bond.pdbx_aromatic_flag 
_chem_comp_bond.pdbx_stereo_config 
_chem_comp_bond.pdbx_ordinal 
ALA N     CA    sing N N 1  
ALA N     H     sing N N 2  
ALA N     H2    sing N N 3  
ALA CA    C     sing N N 4  
ALA CA    CB    sing N N 5  
ALA CA    HA    sing N N 6  
ALA C     O     doub N N 7  
ALA C     OXT   sing N N 8  
ALA CB    HB1   sing N N 9  
ALA CB    HB2   sing N N 10 
ALA CB    HB3   sing N N 11 
ALA OXT   HXT   sing N N 12 
ARG N     CA    sing N N 13 
ARG N     H     sing N N 14 
ARG N     H2    sing N N 15 
ARG CA    C     sing N N 16 
ARG CA    CB    sing N N 17 
ARG CA    HA    sing N N 18 
ARG C     O     doub N N 19 
ARG C     OXT   sing N N 20 
ARG CB    CG    sing N N 21 
ARG CB    HB2   sing N N 22 
ARG CB    HB3   sing N N 23 
ARG CG    CD    sing N N 24 
ARG CG    HG2   sing N N 25 
ARG CG    HG3   sing N N 26 
ARG CD    NE    sing N N 27 
ARG CD    HD2   sing N N 28 
ARG CD    HD3   sing N N 29 
ARG NE    CZ    sing N N 30 
ARG NE    HE    sing N N 31 
ARG CZ    NH1   sing N N 32 
ARG CZ    NH2   doub N N 33 
ARG NH1   HH11  sing N N 34 
ARG NH1   HH12  sing N N 35 
ARG NH2   HH21  sing N N 36 
ARG NH2   HH22  sing N N 37 
ARG OXT   HXT   sing N N 38 
NH2 N     HN1   sing N N 39 
NH2 N     HN2   sing N N 40 
UN1 "C1'" "O1'" doub N N 41 
UN1 "C1'" "O2'" sing N N 42 
UN1 "C1'" C1    sing N N 43 
UN1 "O2'" "H2'" sing N N 44 
UN1 O     C     doub N N 45 
UN1 C1    C6    sing N N 46 
UN1 C1    H1C1  sing N N 47 
UN1 C1    H1C2  sing N N 48 
UN1 C     CA    sing N N 49 
UN1 C     OXT   sing N N 50 
UN1 CA    C5    sing N N 51 
UN1 CA    N     sing N N 52 
UN1 CA    HA    sing N N 53 
UN1 C5    C6    sing N N 54 
UN1 C5    H5C1  sing N N 55 
UN1 C5    H5C2  sing N N 56 
UN1 C6    H6C1  sing N N 57 
UN1 C6    H6C2  sing N N 58 
UN1 N     H     sing N N 59 
UN1 N     H2    sing N N 60 
UN1 OXT   HXT   sing N N 61 
# 
